data_7N70
#
_entry.id   7N70
#
_cell.length_a   1.00
_cell.length_b   1.00
_cell.length_c   1.00
_cell.angle_alpha   90.00
_cell.angle_beta   90.00
_cell.angle_gamma   90.00
#
_symmetry.space_group_name_H-M   'P 1'
#
loop_
_entity.id
_entity.type
_entity.pdbx_description
1 polymer 'Isoform 3 of Polyamine-transporting ATPase 13A2'
2 non-polymer 'BERYLLIUM TRIFLUORIDE ION'
3 non-polymer 'MAGNESIUM ION'
4 non-polymer 'CHOLESTEROL HEMISUCCINATE'
5 non-polymer DODECYL-BETA-D-MALTOSIDE
#
_entity_poly.entity_id   1
_entity_poly.type   'polypeptide(L)'
_entity_poly.pdbx_seq_one_letter_code
;MSADSSPLVGSTPTGYGTLTIGTSIDPLSSSVSSVRLSGYCGSPWRVIGYHVVVWMMAGIPLLLFRWKPLWGVRLRLRPC
NLAHAETLVIEIRDKEDSSWQLFTVQVQTEAIGEGSLEPSPQSQAEDGRSQAAVGAVPEGAWKDTAQLHKSEEAKRVLRY
YLFQGQRYIWIETQQAFYQVSLLDHGRSCDDVHRSRHGLSLQDQMVRKAIYGPNVISIPVKSYPQLLVDEALNPYYGFQA
FSIALWLADHYYWYALCIFLISSISICLSLYKTRKQSQTLRDMVKLSMRVCVCRPGGEEEWVDSSELVPGDCLVLPQEGG
LMPCDAALVAGECMVNESSLTGESIPVLKTALPEGLGPYCAETHRRHTLFCGTLILQARAYVGPHVLAVVTRTGFCTAKG
GLVSSILHPRPINFKFYKHSMKFVAALSVLALLGTIYSIFILYRNRVPLNEIVIRALDLVTVVVPPALPAAMTVCTLYAQ
SRLRRQGIFCIHPLRINLGGKLQLVCFDKTGTLTEDGLDVMGVVPLKGQAFLPLVPEPRRLPVGPLLRALATCHALSRLQ
DTPVGDPMDLKMVESTGWVLEEEPAADSAFGTQVLAVMRPPLWEPQLQAMEEPPVPVSVLHRFPFSSALQRMSVVVAWPG
ATQPEAYVKGSPELVAGLCNPETVPTDFAQMLQSYTAAGYRVVALASKPLPTVPSLEAAQQLTRDTVEGDLSLLGLLVMR
NLLKPQTTPVIQALRRTRIRAVMVTGDNLQTAVTVARGCGMVAPQEHLIIVHATHPERGQPASLEFLPMESPTAVNGVKD
PDQAASYTVEPDPRSRHLALSGPTFGIIVKHFPKLLPKVLVQGTVFARMAPEQKTELVCELQKLQYCVGMCGDGANDCGA
LKAADVGISLSQAEASVVSPFTSSMASIECVPMVIREGRCSLDTSFSVFKYMALYSLTQFISVLILYTINTNLGDLQFLA
IDLVITTTVAVLMSRTGPALVLGRVRPPGALLSVPVLSSLLLQMVLVTGVQLGGYFLTLAQPWFVPLNRTVAAPDNLPNY
ENTVVFSLSSFQYLILAAAVSKGAPFRRPLYTNVPFLVALALLSSVLVGLVLVPGLLQGPLALRNITDTGFKLLLLGLVT
LNFVGAFMLESVLDQCLPACLRRLRPKRASKKRFKQLERELAEQPWPPLPAGPLR
;
_entity_poly.pdbx_strand_id   A
#
# COMPACT_ATOMS: atom_id res chain seq x y z
N SER A 34 6.36 -6.04 -30.20
CA SER A 34 6.19 -5.03 -31.24
C SER A 34 4.94 -4.19 -30.98
N VAL A 35 4.94 -2.97 -31.52
CA VAL A 35 3.83 -2.05 -31.35
C VAL A 35 3.46 -1.48 -32.72
N ARG A 36 2.24 -0.98 -32.82
CA ARG A 36 1.74 -0.36 -34.04
C ARG A 36 1.07 0.96 -33.70
N LEU A 37 1.43 2.02 -34.40
CA LEU A 37 0.90 3.37 -34.17
C LEU A 37 -0.04 3.72 -35.30
N SER A 38 -1.30 3.98 -34.96
CA SER A 38 -2.32 4.35 -35.93
C SER A 38 -2.71 5.80 -35.73
N GLY A 39 -2.76 6.56 -36.82
CA GLY A 39 -3.05 7.98 -36.77
C GLY A 39 -4.52 8.26 -37.03
N TYR A 40 -5.05 9.25 -36.30
CA TYR A 40 -6.46 9.64 -36.40
C TYR A 40 -6.55 11.14 -36.23
N CYS A 41 -6.95 11.85 -37.29
CA CYS A 41 -7.21 13.27 -37.21
C CYS A 41 -8.68 13.51 -36.86
N GLY A 42 -9.02 14.76 -36.58
CA GLY A 42 -10.35 15.10 -36.14
C GLY A 42 -10.94 16.24 -36.93
N SER A 43 -12.28 16.25 -36.99
CA SER A 43 -13.04 17.31 -37.64
C SER A 43 -14.06 17.88 -36.67
N PRO A 44 -14.30 19.20 -36.72
CA PRO A 44 -15.22 19.81 -35.73
C PRO A 44 -16.63 19.26 -35.80
N TRP A 45 -17.18 19.10 -37.00
CA TRP A 45 -18.55 18.59 -37.13
C TRP A 45 -18.64 17.17 -36.59
N ARG A 46 -17.66 16.32 -36.93
CA ARG A 46 -17.66 14.95 -36.42
C ARG A 46 -17.47 14.92 -34.91
N VAL A 47 -16.66 15.83 -34.37
CA VAL A 47 -16.47 15.88 -32.92
C VAL A 47 -17.77 16.24 -32.22
N ILE A 48 -18.47 17.26 -32.72
CA ILE A 48 -19.75 17.63 -32.12
C ILE A 48 -20.77 16.51 -32.27
N GLY A 49 -20.78 15.84 -33.42
CA GLY A 49 -21.69 14.72 -33.60
C GLY A 49 -21.42 13.58 -32.61
N TYR A 50 -20.14 13.26 -32.41
CA TYR A 50 -19.79 12.24 -31.43
C TYR A 50 -20.23 12.67 -30.03
N HIS A 51 -19.99 13.94 -29.68
CA HIS A 51 -20.36 14.43 -28.36
C HIS A 51 -21.86 14.32 -28.13
N VAL A 52 -22.65 14.73 -29.12
CA VAL A 52 -24.09 14.70 -28.93
C VAL A 52 -24.60 13.26 -28.90
N VAL A 53 -24.08 12.38 -29.77
CA VAL A 53 -24.57 11.01 -29.76
C VAL A 53 -24.13 10.26 -28.51
N VAL A 54 -23.05 10.70 -27.86
CA VAL A 54 -22.61 10.03 -26.65
C VAL A 54 -23.20 10.64 -25.38
N TRP A 55 -23.72 11.87 -25.45
CA TRP A 55 -24.30 12.51 -24.27
C TRP A 55 -25.83 12.52 -24.28
N MET A 56 -26.43 13.06 -25.35
CA MET A 56 -27.88 13.20 -25.37
C MET A 56 -28.59 11.85 -25.45
N MET A 57 -27.99 10.87 -26.13
CA MET A 57 -28.64 9.57 -26.28
C MET A 57 -28.68 8.80 -24.97
N ALA A 58 -27.50 8.47 -24.42
CA ALA A 58 -27.42 7.71 -23.18
C ALA A 58 -25.98 7.78 -22.68
N GLY A 59 -25.78 7.33 -21.45
CA GLY A 59 -24.46 7.21 -20.89
C GLY A 59 -23.82 5.87 -21.21
N ILE A 60 -24.62 4.95 -21.75
CA ILE A 60 -24.10 3.64 -22.13
C ILE A 60 -22.99 3.73 -23.15
N PRO A 61 -23.04 4.57 -24.19
CA PRO A 61 -21.91 4.63 -25.13
C PRO A 61 -20.59 5.00 -24.48
N LEU A 62 -20.59 5.83 -23.44
CA LEU A 62 -19.33 6.17 -22.77
C LEU A 62 -18.69 4.93 -22.15
N LEU A 63 -19.50 4.12 -21.45
CA LEU A 63 -18.96 2.89 -20.86
C LEU A 63 -18.58 1.87 -21.92
N LEU A 64 -19.33 1.80 -23.02
CA LEU A 64 -18.97 0.89 -24.10
C LEU A 64 -17.64 1.30 -24.73
N PHE A 65 -17.42 2.60 -24.92
CA PHE A 65 -16.15 3.06 -25.46
C PHE A 65 -15.02 2.87 -24.48
N ARG A 66 -15.29 2.99 -23.18
CA ARG A 66 -14.26 2.68 -22.19
C ARG A 66 -13.90 1.21 -22.22
N TRP A 67 -14.88 0.32 -22.45
CA TRP A 67 -14.60 -1.10 -22.57
C TRP A 67 -13.78 -1.40 -23.82
N LYS A 68 -14.08 -0.73 -24.94
CA LYS A 68 -13.37 -0.92 -26.19
C LYS A 68 -13.10 0.45 -26.81
N PRO A 69 -11.91 1.01 -26.60
CA PRO A 69 -11.64 2.37 -27.11
C PRO A 69 -11.58 2.47 -28.61
N LEU A 70 -11.39 1.36 -29.32
CA LEU A 70 -11.28 1.42 -30.77
C LEU A 70 -12.58 1.90 -31.40
N TRP A 71 -13.73 1.44 -30.89
CA TRP A 71 -15.01 1.94 -31.40
C TRP A 71 -15.14 3.44 -31.19
N GLY A 72 -14.74 3.93 -30.02
CA GLY A 72 -14.81 5.36 -29.76
C GLY A 72 -13.92 6.17 -30.69
N VAL A 73 -12.69 5.70 -30.91
CA VAL A 73 -11.79 6.44 -31.80
C VAL A 73 -12.21 6.35 -33.26
N ARG A 74 -12.87 5.26 -33.67
CA ARG A 74 -13.40 5.21 -35.02
C ARG A 74 -14.63 6.10 -35.19
N LEU A 75 -15.47 6.20 -34.17
CA LEU A 75 -16.66 7.03 -34.28
C LEU A 75 -16.32 8.51 -34.21
N ARG A 76 -15.41 8.90 -33.32
CA ARG A 76 -15.08 10.31 -33.14
C ARG A 76 -14.03 10.81 -34.12
N LEU A 77 -13.02 9.99 -34.42
CA LEU A 77 -11.84 10.42 -35.16
C LEU A 77 -11.75 9.67 -36.47
N ARG A 78 -11.45 10.41 -37.54
CA ARG A 78 -11.26 9.73 -38.82
C ARG A 78 -9.80 9.31 -38.98
N PRO A 79 -9.54 8.18 -39.66
CA PRO A 79 -8.15 7.78 -39.89
C PRO A 79 -7.41 8.82 -40.72
N CYS A 80 -6.13 9.01 -40.40
CA CYS A 80 -5.31 10.00 -41.08
C CYS A 80 -3.87 9.47 -41.15
N ASN A 81 -2.96 10.35 -41.52
CA ASN A 81 -1.54 10.02 -41.61
C ASN A 81 -0.86 10.31 -40.29
N LEU A 82 0.22 9.57 -40.02
CA LEU A 82 0.95 9.76 -38.77
C LEU A 82 1.60 11.13 -38.70
N ALA A 83 1.97 11.71 -39.85
CA ALA A 83 2.57 13.03 -39.86
C ALA A 83 1.54 14.13 -39.57
N HIS A 84 0.26 13.85 -39.78
CA HIS A 84 -0.79 14.83 -39.54
C HIS A 84 -1.74 14.42 -38.41
N ALA A 85 -1.45 13.31 -37.73
CA ALA A 85 -2.35 12.79 -36.71
C ALA A 85 -2.36 13.67 -35.47
N GLU A 86 -3.55 13.84 -34.89
CA GLU A 86 -3.69 14.40 -33.56
C GLU A 86 -4.05 13.34 -32.54
N THR A 87 -3.97 12.06 -32.91
CA THR A 87 -4.31 10.96 -32.02
C THR A 87 -3.58 9.71 -32.47
N LEU A 88 -3.10 8.93 -31.51
CA LEU A 88 -2.51 7.62 -31.77
C LEU A 88 -3.25 6.55 -30.97
N VAL A 89 -3.44 5.40 -31.60
CA VAL A 89 -3.92 4.21 -30.93
C VAL A 89 -2.74 3.25 -30.82
N ILE A 90 -2.34 2.95 -29.58
CA ILE A 90 -1.15 2.16 -29.32
C ILE A 90 -1.60 0.80 -28.80
N GLU A 91 -1.17 -0.26 -29.48
CA GLU A 91 -1.31 -1.63 -28.99
C GLU A 91 0.05 -2.28 -28.93
N ILE A 92 0.34 -2.96 -27.83
CA ILE A 92 1.67 -3.45 -27.53
C ILE A 92 1.70 -4.97 -27.62
N TRP A 100 -3.40 -8.24 -28.32
CA TRP A 100 -3.14 -6.80 -28.35
C TRP A 100 -3.92 -6.06 -27.27
N GLN A 101 -3.36 -4.93 -26.83
CA GLN A 101 -3.99 -4.06 -25.86
C GLN A 101 -3.94 -2.64 -26.40
N LEU A 102 -5.10 -1.98 -26.46
CA LEU A 102 -5.23 -0.72 -27.19
C LEU A 102 -5.29 0.47 -26.24
N PHE A 103 -4.40 1.43 -26.46
CA PHE A 103 -4.36 2.70 -25.76
C PHE A 103 -4.47 3.83 -26.76
N THR A 104 -5.21 4.87 -26.37
CA THR A 104 -5.33 6.06 -27.20
C THR A 104 -4.55 7.17 -26.54
N VAL A 105 -3.61 7.75 -27.28
CA VAL A 105 -2.72 8.79 -26.80
C VAL A 105 -2.85 9.98 -27.74
N GLN A 106 -3.06 11.16 -27.17
CA GLN A 106 -3.12 12.35 -28.01
C GLN A 106 -1.73 12.81 -28.39
N VAL A 107 -1.63 13.43 -29.56
CA VAL A 107 -0.37 13.96 -30.09
C VAL A 107 -0.29 15.43 -29.74
N GLN A 108 0.48 15.73 -28.69
CA GLN A 108 0.66 17.10 -28.22
C GLN A 108 1.68 17.82 -29.08
N THR A 109 1.82 19.13 -28.85
CA THR A 109 2.81 19.94 -29.55
C THR A 109 3.38 20.99 -28.62
N GLU A 110 4.65 21.32 -28.85
CA GLU A 110 5.36 22.32 -28.07
C GLU A 110 6.00 23.36 -28.97
N VAL A 157 6.09 23.60 -33.43
CA VAL A 157 6.43 22.70 -34.52
C VAL A 157 7.19 21.50 -34.00
N LEU A 158 6.89 21.09 -32.76
CA LEU A 158 7.52 19.94 -32.12
C LEU A 158 6.39 19.06 -31.58
N ARG A 159 5.99 18.08 -32.37
CA ARG A 159 4.93 17.17 -31.98
C ARG A 159 5.50 16.02 -31.16
N TYR A 160 4.72 15.54 -30.19
CA TYR A 160 5.15 14.45 -29.33
C TYR A 160 3.92 13.85 -28.67
N TYR A 161 4.14 12.76 -27.93
CA TYR A 161 3.08 12.16 -27.13
C TYR A 161 3.72 11.45 -25.95
N LEU A 162 2.91 11.18 -24.93
CA LEU A 162 3.37 10.57 -23.69
C LEU A 162 2.64 9.25 -23.49
N PHE A 163 3.40 8.15 -23.51
CA PHE A 163 2.87 6.80 -23.29
C PHE A 163 3.44 6.27 -21.99
N GLN A 164 2.59 6.22 -20.96
CA GLN A 164 2.98 5.74 -19.63
C GLN A 164 4.14 6.55 -19.06
N GLY A 165 4.14 7.86 -19.35
CA GLY A 165 5.15 8.75 -18.84
C GLY A 165 6.23 9.08 -19.85
N GLN A 166 6.65 8.08 -20.62
CA GLN A 166 7.71 8.28 -21.60
C GLN A 166 7.26 9.23 -22.70
N ARG A 167 8.20 10.03 -23.19
CA ARG A 167 7.93 11.04 -24.20
C ARG A 167 8.50 10.59 -25.53
N TYR A 168 7.67 10.67 -26.58
CA TYR A 168 8.05 10.22 -27.92
C TYR A 168 7.90 11.40 -28.87
N ILE A 169 8.99 12.11 -29.13
CA ILE A 169 8.93 13.25 -30.04
C ILE A 169 8.83 12.77 -31.48
N TRP A 170 8.27 13.62 -32.33
CA TRP A 170 8.07 13.30 -33.74
C TRP A 170 9.30 13.78 -34.51
N ILE A 171 10.12 12.83 -34.96
CA ILE A 171 11.32 13.16 -35.72
C ILE A 171 10.92 13.45 -37.16
N GLU A 172 11.29 14.64 -37.65
CA GLU A 172 10.81 15.12 -38.94
C GLU A 172 11.65 14.62 -40.11
N THR A 173 12.72 13.87 -39.87
CA THR A 173 13.58 13.39 -40.96
C THR A 173 13.45 11.90 -41.23
N GLN A 174 12.98 11.11 -40.26
CA GLN A 174 12.78 9.68 -40.46
C GLN A 174 11.32 9.28 -40.36
N GLN A 175 10.41 10.22 -40.10
CA GLN A 175 8.97 9.98 -40.11
C GLN A 175 8.57 8.89 -39.13
N ALA A 176 8.85 9.14 -37.85
CA ALA A 176 8.47 8.22 -36.79
C ALA A 176 8.48 8.97 -35.47
N PHE A 177 7.85 8.37 -34.46
CA PHE A 177 7.78 8.95 -33.12
C PHE A 177 8.84 8.25 -32.27
N TYR A 178 10.07 8.75 -32.33
CA TYR A 178 11.19 8.16 -31.60
C TYR A 178 11.23 8.71 -30.19
N GLN A 179 11.39 7.81 -29.22
CA GLN A 179 11.44 8.21 -27.81
C GLN A 179 12.66 9.09 -27.56
N VAL A 180 12.52 10.03 -26.63
CA VAL A 180 13.61 10.93 -26.30
C VAL A 180 14.75 10.21 -25.61
N SER A 181 14.50 9.02 -25.06
CA SER A 181 15.56 8.25 -24.43
C SER A 181 16.66 7.87 -25.42
N LEU A 182 16.31 7.74 -26.69
CA LEU A 182 17.25 7.29 -27.72
C LEU A 182 18.10 8.42 -28.28
N LEU A 183 17.85 9.68 -27.91
CA LEU A 183 18.54 10.80 -28.51
C LEU A 183 19.96 10.97 -27.99
N ASP A 184 20.23 10.58 -26.75
CA ASP A 184 21.58 10.66 -26.18
C ASP A 184 22.36 9.36 -26.34
N HIS A 185 21.81 8.37 -27.02
CA HIS A 185 22.48 7.09 -27.17
C HIS A 185 23.72 7.23 -28.04
N GLY A 186 24.82 6.61 -27.61
CA GLY A 186 26.03 6.54 -28.40
C GLY A 186 27.08 7.58 -28.09
N ARG A 187 26.74 8.61 -27.31
CA ARG A 187 27.72 9.65 -27.02
C ARG A 187 28.70 9.17 -25.97
N SER A 188 29.97 9.52 -26.16
CA SER A 188 31.07 8.91 -25.43
C SER A 188 31.36 9.65 -24.13
N CYS A 189 32.40 9.18 -23.42
CA CYS A 189 32.79 9.83 -22.18
C CYS A 189 33.46 11.17 -22.43
N ASP A 190 34.14 11.32 -23.57
CA ASP A 190 34.70 12.63 -23.91
C ASP A 190 33.60 13.65 -24.18
N ASP A 191 32.48 13.23 -24.79
CA ASP A 191 31.36 14.15 -24.96
C ASP A 191 30.80 14.59 -23.62
N VAL A 192 30.66 13.63 -22.68
CA VAL A 192 30.15 13.95 -21.36
C VAL A 192 31.10 14.90 -20.64
N HIS A 193 32.41 14.71 -20.80
CA HIS A 193 33.37 15.60 -20.16
C HIS A 193 33.41 16.97 -20.82
N ARG A 194 33.20 17.05 -22.13
CA ARG A 194 33.10 18.35 -22.79
C ARG A 194 31.84 19.08 -22.36
N SER A 195 30.80 18.34 -22.00
CA SER A 195 29.58 18.95 -21.47
C SER A 195 29.76 19.52 -20.05
N ARG A 196 30.96 19.57 -19.49
CA ARG A 196 31.15 20.05 -18.13
C ARG A 196 31.14 21.56 -18.01
N HIS A 197 31.07 22.28 -19.13
CA HIS A 197 31.01 23.74 -19.13
C HIS A 197 29.58 24.25 -19.20
N GLY A 198 28.63 23.50 -18.65
CA GLY A 198 27.25 23.93 -18.64
C GLY A 198 26.61 23.84 -20.01
N LEU A 199 25.41 24.40 -20.09
CA LEU A 199 24.63 24.40 -21.31
C LEU A 199 24.07 25.80 -21.55
N SER A 200 24.24 26.30 -22.77
CA SER A 200 23.80 27.65 -23.08
C SER A 200 22.27 27.76 -22.98
N LEU A 201 21.80 28.98 -22.76
CA LEU A 201 20.37 29.19 -22.53
C LEU A 201 19.55 28.78 -23.75
N GLN A 202 19.96 29.18 -24.95
CA GLN A 202 19.22 28.78 -26.14
C GLN A 202 19.17 27.27 -26.27
N ASP A 203 20.31 26.61 -26.07
CA ASP A 203 20.34 25.15 -26.04
C ASP A 203 19.49 24.61 -24.90
N GLN A 204 19.40 25.35 -23.79
CA GLN A 204 18.56 24.91 -22.68
C GLN A 204 17.09 24.88 -23.09
N MET A 205 16.61 25.93 -23.77
CA MET A 205 15.21 25.91 -24.21
C MET A 205 14.98 24.86 -25.29
N VAL A 206 15.93 24.69 -26.21
CA VAL A 206 15.77 23.65 -27.23
C VAL A 206 15.64 22.28 -26.59
N ARG A 207 16.54 21.97 -25.65
CA ARG A 207 16.52 20.66 -25.02
C ARG A 207 15.36 20.51 -24.04
N LYS A 208 14.82 21.61 -23.51
CA LYS A 208 13.63 21.50 -22.68
C LYS A 208 12.38 21.27 -23.53
N ALA A 209 12.34 21.82 -24.74
CA ALA A 209 11.29 21.45 -25.67
C ALA A 209 11.40 19.99 -26.07
N ILE A 210 12.61 19.51 -26.32
CA ILE A 210 12.80 18.13 -26.75
C ILE A 210 12.47 17.16 -25.62
N TYR A 211 13.00 17.41 -24.43
CA TYR A 211 12.92 16.45 -23.33
C TYR A 211 11.81 16.73 -22.34
N GLY A 212 11.29 17.96 -22.31
CA GLY A 212 10.24 18.31 -21.39
C GLY A 212 10.78 18.65 -20.02
N PRO A 213 9.89 18.94 -19.06
CA PRO A 213 10.35 19.26 -17.71
C PRO A 213 10.98 18.07 -17.02
N ASN A 214 11.94 18.36 -16.14
CA ASN A 214 12.57 17.34 -15.30
C ASN A 214 11.67 17.07 -14.09
N VAL A 215 10.55 16.41 -14.36
CA VAL A 215 9.58 16.12 -13.32
C VAL A 215 8.93 14.78 -13.61
N ILE A 216 8.70 14.01 -12.55
CA ILE A 216 7.95 12.76 -12.64
C ILE A 216 6.54 13.09 -12.15
N SER A 217 5.69 13.47 -13.09
CA SER A 217 4.32 13.89 -12.78
C SER A 217 3.34 12.86 -13.30
N ILE A 218 2.46 12.40 -12.42
CA ILE A 218 1.39 11.46 -12.75
C ILE A 218 0.08 12.23 -12.81
N PRO A 219 -0.59 12.30 -13.96
CA PRO A 219 -1.78 13.13 -14.08
C PRO A 219 -2.90 12.66 -13.15
N VAL A 220 -3.70 13.62 -12.70
CA VAL A 220 -4.78 13.34 -11.77
C VAL A 220 -5.94 12.70 -12.52
N LYS A 221 -6.50 11.63 -11.95
CA LYS A 221 -7.69 11.02 -12.52
C LYS A 221 -8.87 11.98 -12.38
N SER A 222 -9.54 12.24 -13.50
CA SER A 222 -10.67 13.15 -13.48
C SER A 222 -11.87 12.52 -12.78
N TYR A 223 -12.83 13.36 -12.43
CA TYR A 223 -14.04 12.87 -11.78
C TYR A 223 -14.77 11.79 -12.58
N PRO A 224 -14.89 11.85 -13.91
CA PRO A 224 -15.49 10.70 -14.61
C PRO A 224 -14.72 9.40 -14.45
N GLN A 225 -13.40 9.42 -14.65
CA GLN A 225 -12.61 8.20 -14.51
C GLN A 225 -12.63 7.70 -13.08
N LEU A 226 -12.50 8.60 -12.10
CA LEU A 226 -12.62 8.20 -10.70
C LEU A 226 -13.98 7.58 -10.44
N LEU A 227 -15.03 8.18 -11.01
CA LEU A 227 -16.39 7.65 -10.90
C LEU A 227 -16.46 6.21 -11.38
N VAL A 228 -15.99 5.96 -12.61
CA VAL A 228 -16.13 4.62 -13.19
C VAL A 228 -15.30 3.61 -12.39
N ASP A 229 -14.04 3.94 -12.08
CA ASP A 229 -13.17 2.94 -11.47
C ASP A 229 -13.49 2.70 -9.99
N GLU A 230 -14.05 3.68 -9.29
CA GLU A 230 -14.30 3.53 -7.86
C GLU A 230 -15.78 3.51 -7.50
N ALA A 231 -16.52 4.55 -7.88
CA ALA A 231 -17.84 4.78 -7.29
C ALA A 231 -18.85 3.74 -7.75
N LEU A 232 -18.91 3.45 -9.05
CA LEU A 232 -19.93 2.55 -9.57
C LEU A 232 -19.72 1.12 -9.08
N ASN A 233 -20.82 0.43 -8.90
CA ASN A 233 -20.88 -1.00 -8.63
C ASN A 233 -21.86 -1.61 -9.61
N PRO A 234 -21.77 -2.91 -9.86
CA PRO A 234 -22.79 -3.57 -10.68
C PRO A 234 -24.18 -3.54 -10.06
N TYR A 235 -24.28 -3.25 -8.76
CA TYR A 235 -25.57 -3.08 -8.09
C TYR A 235 -26.24 -1.76 -8.44
N TYR A 236 -25.47 -0.76 -8.89
CA TYR A 236 -26.10 0.47 -9.35
C TYR A 236 -26.85 0.26 -10.65
N GLY A 237 -26.49 -0.75 -11.45
CA GLY A 237 -27.33 -1.11 -12.57
C GLY A 237 -28.69 -1.64 -12.12
N PHE A 238 -28.70 -2.50 -11.10
CA PHE A 238 -29.95 -2.95 -10.53
C PHE A 238 -30.75 -1.79 -9.96
N GLN A 239 -30.07 -0.86 -9.30
CA GLN A 239 -30.76 0.31 -8.75
C GLN A 239 -31.34 1.18 -9.87
N ALA A 240 -30.62 1.35 -10.97
CA ALA A 240 -31.16 2.10 -12.10
C ALA A 240 -32.38 1.40 -12.70
N PHE A 241 -32.33 0.08 -12.82
CA PHE A 241 -33.48 -0.66 -13.34
C PHE A 241 -34.69 -0.51 -12.40
N SER A 242 -34.46 -0.58 -11.10
CA SER A 242 -35.55 -0.42 -10.15
C SER A 242 -36.09 1.01 -10.15
N ILE A 243 -35.23 2.00 -10.36
CA ILE A 243 -35.69 3.38 -10.49
C ILE A 243 -36.56 3.53 -11.73
N ALA A 244 -36.16 2.89 -12.83
CA ALA A 244 -37.00 2.88 -14.03
C ALA A 244 -38.34 2.23 -13.75
N LEU A 245 -38.35 1.12 -13.00
CA LEU A 245 -39.60 0.47 -12.65
C LEU A 245 -40.48 1.37 -11.80
N TRP A 246 -39.89 2.08 -10.85
CA TRP A 246 -40.66 2.99 -10.00
C TRP A 246 -41.25 4.13 -10.81
N LEU A 247 -40.46 4.70 -11.73
CA LEU A 247 -40.98 5.78 -12.57
C LEU A 247 -42.05 5.27 -13.52
N ALA A 248 -41.97 3.99 -13.93
CA ALA A 248 -43.02 3.40 -14.75
C ALA A 248 -44.32 3.23 -13.98
N ASP A 249 -44.25 2.91 -12.70
CA ASP A 249 -45.42 2.73 -11.86
C ASP A 249 -45.74 4.02 -11.09
N HIS A 250 -45.09 5.12 -11.44
CA HIS A 250 -45.40 6.45 -10.91
C HIS A 250 -45.15 6.56 -9.40
N TYR A 251 -43.95 6.16 -8.98
CA TYR A 251 -43.45 6.45 -7.64
C TYR A 251 -42.31 7.45 -7.81
N TYR A 252 -42.67 8.73 -7.84
CA TYR A 252 -41.70 9.80 -8.08
C TYR A 252 -40.99 10.21 -6.80
N TRP A 253 -41.73 10.36 -5.70
CA TRP A 253 -41.15 10.77 -4.43
C TRP A 253 -40.41 9.64 -3.73
N TYR A 254 -40.34 8.46 -4.34
CA TYR A 254 -39.55 7.34 -3.87
C TYR A 254 -38.30 7.14 -4.71
N ALA A 255 -38.47 7.10 -6.04
CA ALA A 255 -37.33 7.02 -6.94
C ALA A 255 -36.44 8.24 -6.79
N LEU A 256 -37.04 9.42 -6.60
CA LEU A 256 -36.25 10.63 -6.42
C LEU A 256 -35.42 10.57 -5.14
N CYS A 257 -36.01 10.08 -4.04
CA CYS A 257 -35.25 9.96 -2.80
C CYS A 257 -34.13 8.95 -2.93
N ILE A 258 -34.39 7.80 -3.57
CA ILE A 258 -33.35 6.80 -3.75
C ILE A 258 -32.22 7.36 -4.62
N PHE A 259 -32.58 8.07 -5.69
CA PHE A 259 -31.58 8.68 -6.55
C PHE A 259 -30.75 9.71 -5.80
N LEU A 260 -31.40 10.53 -4.97
CA LEU A 260 -30.66 11.52 -4.19
C LEU A 260 -29.70 10.85 -3.22
N ILE A 261 -30.14 9.79 -2.54
CA ILE A 261 -29.27 9.11 -1.58
C ILE A 261 -28.06 8.52 -2.29
N SER A 262 -28.32 7.81 -3.40
CA SER A 262 -27.21 7.18 -4.13
C SER A 262 -26.25 8.22 -4.71
N SER A 263 -26.79 9.30 -5.29
CA SER A 263 -25.95 10.33 -5.86
C SER A 263 -25.11 11.03 -4.79
N ILE A 264 -25.71 11.32 -3.64
CA ILE A 264 -24.96 11.96 -2.56
C ILE A 264 -23.84 11.04 -2.08
N SER A 265 -24.13 9.75 -1.91
CA SER A 265 -23.09 8.81 -1.49
C SER A 265 -21.96 8.75 -2.51
N ILE A 266 -22.31 8.66 -3.80
CA ILE A 266 -21.29 8.56 -4.84
C ILE A 266 -20.44 9.83 -4.89
N CYS A 267 -21.09 10.99 -4.89
CA CYS A 267 -20.34 12.23 -4.97
C CYS A 267 -19.47 12.46 -3.75
N LEU A 268 -19.95 12.11 -2.56
CA LEU A 268 -19.14 12.27 -1.36
C LEU A 268 -17.94 11.33 -1.39
N SER A 269 -18.13 10.09 -1.84
CA SER A 269 -17.01 9.17 -1.97
C SER A 269 -15.99 9.68 -2.98
N LEU A 270 -16.47 10.19 -4.12
CA LEU A 270 -15.56 10.73 -5.12
C LEU A 270 -14.79 11.94 -4.57
N TYR A 271 -15.48 12.81 -3.84
CA TYR A 271 -14.80 13.96 -3.25
C TYR A 271 -13.74 13.52 -2.26
N LYS A 272 -14.04 12.52 -1.42
CA LYS A 272 -13.06 12.06 -0.45
C LYS A 272 -11.84 11.45 -1.14
N THR A 273 -12.07 10.59 -2.14
CA THR A 273 -10.94 9.97 -2.84
C THR A 273 -10.10 11.01 -3.58
N ARG A 274 -10.76 11.97 -4.26
CA ARG A 274 -10.03 13.00 -4.98
C ARG A 274 -9.24 13.88 -4.04
N LYS A 275 -9.82 14.23 -2.88
CA LYS A 275 -9.10 15.06 -1.92
C LYS A 275 -7.92 14.30 -1.33
N GLN A 276 -8.08 12.99 -1.07
CA GLN A 276 -6.95 12.21 -0.58
C GLN A 276 -5.83 12.14 -1.61
N SER A 277 -6.16 11.94 -2.88
CA SER A 277 -5.13 11.92 -3.92
C SER A 277 -4.43 13.27 -4.02
N GLN A 278 -5.19 14.36 -3.97
CA GLN A 278 -4.59 15.69 -4.03
C GLN A 278 -3.69 15.95 -2.83
N THR A 279 -4.12 15.52 -1.64
CA THR A 279 -3.28 15.67 -0.45
C THR A 279 -2.00 14.86 -0.58
N LEU A 280 -2.09 13.64 -1.11
CA LEU A 280 -0.90 12.84 -1.34
C LEU A 280 0.06 13.53 -2.30
N ARG A 281 -0.47 14.11 -3.36
CA ARG A 281 0.37 14.77 -4.37
C ARG A 281 0.85 16.15 -3.92
N ASP A 282 0.28 16.72 -2.87
CA ASP A 282 0.76 17.99 -2.34
C ASP A 282 1.91 17.84 -1.36
N MET A 283 2.14 16.65 -0.81
CA MET A 283 3.27 16.41 0.07
C MET A 283 4.50 15.91 -0.67
N VAL A 284 4.44 15.83 -2.00
CA VAL A 284 5.57 15.42 -2.83
C VAL A 284 6.17 16.66 -3.46
N LYS A 285 7.46 16.87 -3.22
CA LYS A 285 8.18 18.03 -3.75
C LYS A 285 8.84 17.64 -5.06
N LEU A 286 8.31 18.16 -6.16
CA LEU A 286 8.76 17.78 -7.50
C LEU A 286 9.90 18.64 -8.02
N SER A 287 10.46 19.52 -7.18
CA SER A 287 11.48 20.44 -7.63
C SER A 287 12.41 20.79 -6.47
N MET A 288 13.54 21.38 -6.82
CA MET A 288 14.51 21.89 -5.86
C MET A 288 15.06 23.19 -6.42
N ARG A 289 16.14 23.68 -5.81
CA ARG A 289 16.90 24.80 -6.35
C ARG A 289 18.31 24.30 -6.59
N VAL A 290 18.63 23.99 -7.84
CA VAL A 290 19.90 23.39 -8.20
C VAL A 290 20.77 24.44 -8.86
N CYS A 291 22.08 24.32 -8.66
CA CYS A 291 23.05 25.18 -9.30
C CYS A 291 23.59 24.50 -10.56
N VAL A 292 23.57 25.23 -11.67
CA VAL A 292 23.99 24.69 -12.95
C VAL A 292 25.05 25.61 -13.54
N CYS A 293 26.08 25.01 -14.14
CA CYS A 293 27.08 25.80 -14.84
C CYS A 293 26.47 26.41 -16.10
N ARG A 294 26.95 27.58 -16.47
CA ARG A 294 26.60 28.21 -17.72
C ARG A 294 27.86 28.58 -18.47
N PRO A 295 27.92 28.34 -19.77
CA PRO A 295 29.15 28.64 -20.53
C PRO A 295 29.50 30.12 -20.43
N GLY A 296 30.80 30.38 -20.30
CA GLY A 296 31.29 31.73 -20.08
C GLY A 296 31.78 31.93 -18.67
N GLY A 297 31.87 30.84 -17.90
CA GLY A 297 32.34 30.89 -16.54
C GLY A 297 31.30 31.28 -15.50
N GLU A 298 30.07 31.55 -15.92
CA GLU A 298 29.01 31.96 -15.01
C GLU A 298 28.24 30.75 -14.50
N GLU A 299 27.35 30.99 -13.55
CA GLU A 299 26.46 29.98 -13.00
C GLU A 299 25.09 30.59 -12.77
N GLU A 300 24.13 29.76 -12.39
CA GLU A 300 22.80 30.25 -12.09
C GLU A 300 22.04 29.18 -11.30
N TRP A 301 21.28 29.62 -10.30
CA TRP A 301 20.47 28.73 -9.48
C TRP A 301 19.10 28.60 -10.13
N VAL A 302 18.85 27.45 -10.74
CA VAL A 302 17.59 27.21 -11.44
C VAL A 302 16.76 26.19 -10.65
N ASP A 303 15.51 26.05 -11.05
CA ASP A 303 14.65 25.02 -10.48
C ASP A 303 15.09 23.64 -10.98
N SER A 304 14.73 22.61 -10.22
CA SER A 304 15.08 21.25 -10.63
C SER A 304 14.31 20.78 -11.84
N SER A 305 13.24 21.48 -12.25
CA SER A 305 12.48 21.11 -13.43
C SER A 305 13.04 21.70 -14.72
N GLU A 306 13.95 22.67 -14.62
CA GLU A 306 14.59 23.24 -15.80
C GLU A 306 15.81 22.45 -16.24
N LEU A 307 16.08 21.33 -15.59
CA LEU A 307 17.26 20.52 -15.90
C LEU A 307 17.00 19.68 -17.14
N VAL A 308 17.93 19.73 -18.09
CA VAL A 308 17.81 18.97 -19.33
C VAL A 308 19.11 18.20 -19.54
N PRO A 309 19.08 17.06 -20.24
CA PRO A 309 20.33 16.35 -20.53
C PRO A 309 21.36 17.21 -21.23
N GLY A 310 22.46 17.46 -20.54
CA GLY A 310 23.48 18.36 -21.04
C GLY A 310 23.89 19.38 -20.00
N ASP A 311 22.99 19.65 -19.05
CA ASP A 311 23.29 20.57 -17.96
C ASP A 311 24.39 20.00 -17.07
N CYS A 312 25.22 20.90 -16.54
CA CYS A 312 26.30 20.53 -15.63
C CYS A 312 25.92 21.00 -14.23
N LEU A 313 25.44 20.08 -13.41
CA LEU A 313 25.08 20.40 -12.04
C LEU A 313 26.31 20.70 -11.21
N VAL A 314 26.18 21.66 -10.29
CA VAL A 314 27.18 21.93 -9.28
C VAL A 314 26.65 21.37 -7.97
N LEU A 315 27.18 20.24 -7.54
CA LEU A 315 26.66 19.55 -6.37
C LEU A 315 27.15 20.22 -5.09
N PRO A 316 26.26 20.45 -4.13
CA PRO A 316 26.69 21.06 -2.86
C PRO A 316 27.54 20.10 -2.05
N GLN A 317 28.49 20.67 -1.29
CA GLN A 317 29.38 19.84 -0.49
C GLN A 317 28.65 19.15 0.65
N GLU A 318 27.50 19.66 1.08
CA GLU A 318 26.72 19.03 2.13
C GLU A 318 25.81 17.93 1.61
N GLY A 319 25.81 17.68 0.30
CA GLY A 319 24.97 16.64 -0.24
C GLY A 319 23.52 17.07 -0.39
N GLY A 320 22.63 16.08 -0.38
CA GLY A 320 21.21 16.30 -0.58
C GLY A 320 20.65 15.37 -1.63
N LEU A 321 19.33 15.44 -1.77
CA LEU A 321 18.63 14.57 -2.72
C LEU A 321 19.09 14.87 -4.14
N MET A 322 19.14 13.83 -4.96
CA MET A 322 19.60 13.99 -6.33
C MET A 322 18.42 14.36 -7.24
N PRO A 323 18.52 15.46 -7.99
CA PRO A 323 17.37 15.90 -8.79
C PRO A 323 17.14 15.09 -10.06
N CYS A 324 18.20 14.55 -10.65
CA CYS A 324 18.08 13.85 -11.93
C CYS A 324 19.17 12.78 -12.00
N ASP A 325 19.30 12.16 -13.17
CA ASP A 325 20.36 11.21 -13.44
C ASP A 325 21.54 11.96 -14.06
N ALA A 326 22.69 11.90 -13.41
CA ALA A 326 23.87 12.62 -13.87
C ALA A 326 25.08 11.69 -13.88
N ALA A 327 26.15 12.17 -14.48
CA ALA A 327 27.42 11.43 -14.55
C ALA A 327 28.52 12.32 -13.99
N LEU A 328 29.10 11.91 -12.86
CA LEU A 328 30.15 12.68 -12.22
C LEU A 328 31.33 12.87 -13.16
N VAL A 329 31.71 14.12 -13.38
CA VAL A 329 32.89 14.44 -14.17
C VAL A 329 34.00 15.10 -13.34
N ALA A 330 33.68 15.59 -12.15
CA ALA A 330 34.67 16.17 -11.25
C ALA A 330 34.35 15.79 -9.83
N GLY A 331 35.40 15.58 -9.02
CA GLY A 331 35.22 15.22 -7.64
C GLY A 331 34.67 13.81 -7.49
N GLU A 332 34.13 13.54 -6.31
CA GLU A 332 33.46 12.28 -6.05
C GLU A 332 32.39 12.50 -4.99
N CYS A 333 31.41 11.61 -4.98
CA CYS A 333 30.27 11.70 -4.07
C CYS A 333 30.17 10.43 -3.23
N MET A 334 29.43 10.54 -2.14
CA MET A 334 29.10 9.41 -1.27
C MET A 334 27.57 9.35 -1.23
N VAL A 335 26.99 8.39 -1.94
CA VAL A 335 25.56 8.37 -2.19
C VAL A 335 24.93 7.23 -1.40
N ASN A 336 23.69 7.47 -0.97
CA ASN A 336 22.86 6.45 -0.32
C ASN A 336 21.76 6.08 -1.29
N GLU A 337 21.92 4.94 -1.96
CA GLU A 337 21.00 4.49 -3.01
C GLU A 337 19.95 3.53 -2.49
N SER A 338 19.60 3.63 -1.21
CA SER A 338 18.63 2.72 -0.61
C SER A 338 17.22 2.90 -1.18
N SER A 339 16.94 4.03 -1.83
CA SER A 339 15.60 4.26 -2.36
C SER A 339 15.42 3.65 -3.74
N LEU A 340 16.51 3.41 -4.46
CA LEU A 340 16.46 2.78 -5.78
C LEU A 340 16.91 1.33 -5.79
N THR A 341 17.90 0.97 -4.96
CA THR A 341 18.44 -0.37 -4.96
C THR A 341 18.16 -1.13 -3.68
N GLY A 342 17.79 -0.45 -2.60
CA GLY A 342 17.58 -1.09 -1.32
C GLY A 342 18.85 -1.36 -0.53
N GLU A 343 20.01 -1.04 -1.08
CA GLU A 343 21.27 -1.25 -0.36
C GLU A 343 21.47 -0.17 0.69
N SER A 344 21.82 -0.58 1.90
CA SER A 344 21.93 0.34 3.02
C SER A 344 23.32 0.94 3.19
N ILE A 345 24.34 0.32 2.62
CA ILE A 345 25.71 0.85 2.71
C ILE A 345 25.88 1.98 1.72
N PRO A 346 26.41 3.13 2.13
CA PRO A 346 26.61 4.24 1.18
C PRO A 346 27.56 3.85 0.06
N VAL A 347 27.29 4.38 -1.12
CA VAL A 347 28.04 4.06 -2.34
C VAL A 347 28.93 5.23 -2.69
N LEU A 348 30.19 4.93 -3.03
CA LEU A 348 31.16 5.95 -3.42
C LEU A 348 31.16 6.05 -4.94
N LYS A 349 30.69 7.18 -5.45
CA LYS A 349 30.70 7.45 -6.88
C LYS A 349 31.91 8.30 -7.22
N THR A 350 32.65 7.91 -8.25
CA THR A 350 33.85 8.60 -8.67
C THR A 350 33.63 9.26 -10.02
N ALA A 351 34.54 10.17 -10.38
CA ALA A 351 34.41 10.91 -11.63
C ALA A 351 34.50 9.98 -12.83
N LEU A 352 33.74 10.32 -13.87
CA LEU A 352 33.75 9.53 -15.09
C LEU A 352 35.12 9.62 -15.76
N PRO A 353 35.66 8.50 -16.24
CA PRO A 353 36.97 8.54 -16.92
C PRO A 353 36.86 8.92 -18.38
N GLU A 354 37.78 9.77 -18.82
CA GLU A 354 37.79 10.21 -20.20
C GLU A 354 38.15 9.06 -21.14
N GLY A 355 37.44 8.99 -22.25
CA GLY A 355 37.69 7.94 -23.23
C GLY A 355 36.77 8.10 -24.42
N LEU A 356 37.05 7.30 -25.45
CA LEU A 356 36.25 7.32 -26.66
C LEU A 356 35.05 6.38 -26.60
N GLY A 357 34.99 5.50 -25.60
CA GLY A 357 33.91 4.55 -25.49
C GLY A 357 32.60 5.21 -25.11
N PRO A 358 31.49 4.65 -25.59
CA PRO A 358 30.18 5.25 -25.27
C PRO A 358 29.89 5.15 -23.78
N TYR A 359 29.35 6.22 -23.22
CA TYR A 359 28.95 6.22 -21.83
C TYR A 359 27.69 5.40 -21.65
N CYS A 360 27.68 4.50 -20.66
CA CYS A 360 26.54 3.65 -20.38
C CYS A 360 26.24 3.69 -18.89
N ALA A 361 24.96 3.85 -18.55
CA ALA A 361 24.55 3.94 -17.15
C ALA A 361 24.72 2.62 -16.41
N GLU A 362 24.97 1.52 -17.11
CA GLU A 362 25.22 0.23 -16.50
C GLU A 362 26.71 -0.08 -16.41
N THR A 363 27.45 0.13 -17.50
CA THR A 363 28.90 -0.05 -17.47
C THR A 363 29.56 0.96 -16.53
N HIS A 364 29.08 2.20 -16.53
CA HIS A 364 29.66 3.27 -15.73
C HIS A 364 28.79 3.63 -14.54
N ARG A 365 28.09 2.65 -13.97
CA ARG A 365 27.26 2.92 -12.80
C ARG A 365 28.06 3.39 -11.61
N ARG A 366 29.34 3.04 -11.54
CA ARG A 366 30.20 3.52 -10.46
C ARG A 366 30.41 5.02 -10.53
N HIS A 367 30.13 5.65 -11.67
CA HIS A 367 30.34 7.08 -11.86
C HIS A 367 29.06 7.88 -12.02
N THR A 368 27.90 7.24 -12.07
CA THR A 368 26.65 7.92 -12.32
C THR A 368 25.89 8.15 -11.02
N LEU A 369 25.29 9.33 -10.91
CA LEU A 369 24.39 9.67 -9.82
C LEU A 369 22.96 9.51 -10.30
N PHE A 370 22.15 8.78 -9.56
CA PHE A 370 20.80 8.45 -9.97
C PHE A 370 19.78 9.34 -9.28
N CYS A 371 18.70 9.64 -9.98
CA CYS A 371 17.65 10.50 -9.45
C CYS A 371 16.96 9.83 -8.28
N GLY A 372 16.67 10.62 -7.24
CA GLY A 372 16.01 10.15 -6.06
C GLY A 372 16.94 9.64 -4.98
N THR A 373 18.16 9.27 -5.34
CA THR A 373 19.15 8.86 -4.35
C THR A 373 19.64 10.09 -3.59
N LEU A 374 20.14 9.85 -2.39
CA LEU A 374 20.56 10.92 -1.49
C LEU A 374 22.08 10.98 -1.45
N ILE A 375 22.63 12.14 -1.77
CA ILE A 375 24.07 12.36 -1.69
C ILE A 375 24.41 12.71 -0.25
N LEU A 376 25.32 11.94 0.35
CA LEU A 376 25.70 12.17 1.73
C LEU A 376 26.92 13.07 1.86
N GLN A 377 27.78 13.11 0.84
CA GLN A 377 28.97 13.95 0.87
C GLN A 377 29.51 14.09 -0.53
N ALA A 378 29.72 15.32 -0.98
CA ALA A 378 30.29 15.63 -2.28
C ALA A 378 31.62 16.34 -2.07
N ARG A 379 32.72 15.64 -2.32
CA ARG A 379 34.05 16.16 -2.08
C ARG A 379 34.81 16.26 -3.39
N ALA A 380 35.50 17.39 -3.58
CA ALA A 380 36.18 17.71 -4.83
C ALA A 380 37.67 17.87 -4.58
N TYR A 381 38.49 17.17 -5.37
CA TYR A 381 39.93 17.41 -5.34
C TYR A 381 40.30 18.63 -6.17
N VAL A 382 40.03 18.58 -7.47
CA VAL A 382 40.41 19.63 -8.41
C VAL A 382 39.24 20.58 -8.59
N GLY A 383 39.51 21.88 -8.52
CA GLY A 383 38.49 22.89 -8.67
C GLY A 383 37.68 23.03 -7.40
N PRO A 384 36.89 24.10 -7.32
CA PRO A 384 36.07 24.33 -6.12
C PRO A 384 34.67 23.74 -6.16
N HIS A 385 34.34 22.93 -7.17
CA HIS A 385 32.98 22.44 -7.33
C HIS A 385 33.00 20.97 -7.71
N VAL A 386 31.91 20.28 -7.39
CA VAL A 386 31.69 18.89 -7.78
C VAL A 386 30.70 18.93 -8.93
N LEU A 387 31.17 18.62 -10.14
CA LEU A 387 30.35 18.71 -11.33
C LEU A 387 29.79 17.35 -11.70
N ALA A 388 28.57 17.37 -12.25
CA ALA A 388 27.91 16.14 -12.69
C ALA A 388 27.03 16.50 -13.88
N VAL A 389 27.38 15.98 -15.06
CA VAL A 389 26.65 16.30 -16.28
C VAL A 389 25.34 15.54 -16.30
N VAL A 390 24.24 16.26 -16.48
CA VAL A 390 22.92 15.64 -16.50
C VAL A 390 22.78 14.77 -17.75
N THR A 391 22.29 13.56 -17.56
CA THR A 391 22.12 12.61 -18.66
C THR A 391 20.66 12.28 -18.95
N ARG A 392 19.84 12.05 -17.92
CA ARG A 392 18.44 11.71 -18.10
C ARG A 392 17.59 12.50 -17.12
N THR A 393 16.46 13.00 -17.60
CA THR A 393 15.55 13.81 -16.78
C THR A 393 14.12 13.33 -16.96
N GLY A 394 13.37 13.35 -15.88
CA GLY A 394 11.94 13.06 -15.94
C GLY A 394 11.66 11.57 -15.82
N PHE A 395 10.97 11.01 -16.81
CA PHE A 395 10.59 9.61 -16.80
C PHE A 395 11.62 8.71 -17.46
N CYS A 396 12.68 9.26 -18.05
CA CYS A 396 13.73 8.45 -18.64
C CYS A 396 14.86 8.17 -17.67
N THR A 397 14.71 8.55 -16.40
CA THR A 397 15.69 8.23 -15.38
C THR A 397 15.50 6.77 -14.94
N ALA A 398 16.32 6.30 -14.01
CA ALA A 398 16.11 4.98 -13.45
C ALA A 398 14.88 4.95 -12.56
N LYS A 399 14.72 5.95 -11.70
CA LYS A 399 13.52 6.06 -10.88
C LYS A 399 12.29 6.32 -11.76
N GLY A 400 12.44 7.14 -12.79
CA GLY A 400 11.34 7.36 -13.72
C GLY A 400 10.95 6.09 -14.44
N GLY A 401 11.93 5.28 -14.83
CA GLY A 401 11.62 3.99 -15.44
C GLY A 401 10.95 3.04 -14.48
N LEU A 402 11.36 3.06 -13.21
CA LEU A 402 10.72 2.19 -12.21
C LEU A 402 9.28 2.59 -11.97
N VAL A 403 9.00 3.89 -11.86
CA VAL A 403 7.63 4.35 -11.64
C VAL A 403 6.80 4.38 -12.91
N SER A 404 7.43 4.26 -14.08
CA SER A 404 6.69 4.21 -15.33
C SER A 404 6.05 2.84 -15.56
N SER A 405 6.71 1.78 -15.10
CA SER A 405 6.20 0.43 -15.30
C SER A 405 4.91 0.15 -14.53
N ILE A 406 4.55 1.00 -13.57
CA ILE A 406 3.32 0.83 -12.81
C ILE A 406 2.19 1.69 -13.32
N LEU A 407 2.42 2.49 -14.36
CA LEU A 407 1.35 3.21 -15.03
C LEU A 407 0.62 2.34 -16.05
N HIS A 408 1.13 1.15 -16.33
CA HIS A 408 0.46 0.22 -17.23
C HIS A 408 -0.78 -0.33 -16.55
N PRO A 409 -1.97 -0.15 -17.10
CA PRO A 409 -3.19 -0.63 -16.43
C PRO A 409 -3.26 -2.16 -16.45
N ARG A 410 -3.59 -2.73 -15.29
CA ARG A 410 -3.72 -4.16 -15.13
C ARG A 410 -4.92 -4.45 -14.24
N PRO A 411 -5.58 -5.61 -14.39
CA PRO A 411 -6.71 -5.96 -13.54
C PRO A 411 -6.29 -6.31 -12.11
N PHE A 416 -14.19 -7.77 -7.22
CA PHE A 416 -14.41 -7.51 -5.81
C PHE A 416 -15.80 -7.96 -5.36
N TYR A 417 -16.69 -8.16 -6.34
CA TYR A 417 -18.09 -8.45 -6.06
C TYR A 417 -18.49 -9.87 -6.39
N LYS A 418 -17.58 -10.71 -6.89
CA LYS A 418 -17.97 -12.04 -7.34
C LYS A 418 -18.43 -12.92 -6.20
N HIS A 419 -17.94 -12.67 -4.98
CA HIS A 419 -18.41 -13.44 -3.83
C HIS A 419 -19.81 -13.04 -3.42
N SER A 420 -20.24 -11.84 -3.81
CA SER A 420 -21.57 -11.36 -3.43
C SER A 420 -22.60 -11.61 -4.52
N MET A 421 -22.17 -11.73 -5.77
CA MET A 421 -23.11 -12.06 -6.84
C MET A 421 -23.68 -13.46 -6.66
N LYS A 422 -22.86 -14.39 -6.18
CA LYS A 422 -23.37 -15.71 -5.85
C LYS A 422 -24.41 -15.64 -4.75
N PHE A 423 -24.17 -14.79 -3.74
CA PHE A 423 -25.14 -14.61 -2.66
C PHE A 423 -26.45 -14.03 -3.18
N VAL A 424 -26.36 -13.02 -4.05
CA VAL A 424 -27.59 -12.43 -4.58
C VAL A 424 -28.30 -13.37 -5.54
N ALA A 425 -27.57 -14.30 -6.19
CA ALA A 425 -28.25 -15.32 -6.98
C ALA A 425 -28.99 -16.31 -6.09
N ALA A 426 -28.37 -16.71 -4.98
CA ALA A 426 -29.07 -17.56 -4.01
C ALA A 426 -30.30 -16.87 -3.47
N LEU A 427 -30.19 -15.56 -3.19
CA LEU A 427 -31.35 -14.78 -2.80
C LEU A 427 -32.39 -14.72 -3.91
N SER A 428 -31.94 -14.62 -5.15
CA SER A 428 -32.84 -14.52 -6.29
C SER A 428 -33.64 -15.80 -6.47
N VAL A 429 -33.09 -16.95 -6.08
CA VAL A 429 -33.87 -18.19 -6.13
C VAL A 429 -35.10 -18.07 -5.23
N LEU A 430 -34.89 -17.66 -3.98
CA LEU A 430 -36.01 -17.51 -3.05
C LEU A 430 -36.96 -16.40 -3.50
N ALA A 431 -36.40 -15.29 -3.99
CA ALA A 431 -37.23 -14.19 -4.45
C ALA A 431 -38.04 -14.57 -5.68
N LEU A 432 -37.51 -15.45 -6.53
CA LEU A 432 -38.26 -15.93 -7.68
C LEU A 432 -39.38 -16.87 -7.26
N LEU A 433 -39.11 -17.73 -6.28
CA LEU A 433 -40.19 -18.58 -5.75
C LEU A 433 -41.30 -17.71 -5.17
N GLY A 434 -40.92 -16.71 -4.38
CA GLY A 434 -41.91 -15.80 -3.82
C GLY A 434 -42.63 -14.99 -4.89
N THR A 435 -41.94 -14.63 -5.97
CA THR A 435 -42.58 -13.90 -7.06
C THR A 435 -43.58 -14.77 -7.80
N ILE A 436 -43.26 -16.05 -7.99
CA ILE A 436 -44.23 -16.97 -8.59
C ILE A 436 -45.46 -17.08 -7.70
N TYR A 437 -45.25 -17.22 -6.39
CA TYR A 437 -46.38 -17.28 -5.47
C TYR A 437 -47.20 -15.99 -5.51
N SER A 438 -46.52 -14.83 -5.57
CA SER A 438 -47.22 -13.56 -5.61
C SER A 438 -48.03 -13.41 -6.88
N ILE A 439 -47.46 -13.81 -8.02
CA ILE A 439 -48.21 -13.74 -9.29
C ILE A 439 -49.43 -14.64 -9.22
N PHE A 440 -49.28 -15.84 -8.68
CA PHE A 440 -50.42 -16.75 -8.58
C PHE A 440 -51.51 -16.18 -7.68
N ILE A 441 -51.13 -15.67 -6.50
CA ILE A 441 -52.11 -15.18 -5.55
C ILE A 441 -52.70 -13.84 -5.98
N LEU A 442 -52.02 -13.09 -6.84
CA LEU A 442 -52.59 -11.87 -7.40
C LEU A 442 -53.53 -12.20 -8.55
N TYR A 443 -53.22 -13.23 -9.33
CA TYR A 443 -54.14 -13.68 -10.36
C TYR A 443 -55.42 -14.22 -9.76
N ARG A 444 -55.33 -14.91 -8.63
CA ARG A 444 -56.56 -15.30 -7.93
C ARG A 444 -57.36 -14.09 -7.47
N ASN A 445 -56.69 -12.98 -7.16
CA ASN A 445 -57.38 -11.75 -6.78
C ASN A 445 -57.86 -10.95 -7.98
N ARG A 446 -57.51 -11.36 -9.21
CA ARG A 446 -57.99 -10.74 -10.44
C ARG A 446 -57.64 -9.25 -10.50
N VAL A 447 -56.38 -8.94 -10.19
CA VAL A 447 -55.87 -7.59 -10.32
C VAL A 447 -55.44 -7.38 -11.78
N PRO A 448 -55.31 -6.14 -12.24
CA PRO A 448 -54.93 -5.92 -13.64
C PRO A 448 -53.59 -6.55 -13.98
N LEU A 449 -53.47 -6.99 -15.24
CA LEU A 449 -52.26 -7.69 -15.67
C LEU A 449 -51.03 -6.81 -15.62
N ASN A 450 -51.18 -5.50 -15.85
CA ASN A 450 -50.05 -4.60 -15.75
C ASN A 450 -49.50 -4.58 -14.32
N GLU A 451 -50.38 -4.59 -13.33
CA GLU A 451 -49.94 -4.69 -11.94
C GLU A 451 -49.18 -6.00 -11.72
N ILE A 452 -49.66 -7.10 -12.29
CA ILE A 452 -49.00 -8.39 -12.13
C ILE A 452 -47.60 -8.36 -12.73
N VAL A 453 -47.46 -7.80 -13.93
CA VAL A 453 -46.13 -7.79 -14.55
C VAL A 453 -45.20 -6.82 -13.83
N ILE A 454 -45.74 -5.73 -13.26
CA ILE A 454 -44.90 -4.84 -12.47
C ILE A 454 -44.41 -5.56 -11.22
N ARG A 455 -45.29 -6.30 -10.54
CA ARG A 455 -44.86 -7.06 -9.37
C ARG A 455 -43.85 -8.15 -9.75
N ALA A 456 -44.03 -8.75 -10.93
CA ALA A 456 -43.06 -9.73 -11.40
C ALA A 456 -41.69 -9.11 -11.63
N LEU A 457 -41.66 -7.93 -12.26
CA LEU A 457 -40.39 -7.23 -12.46
C LEU A 457 -39.82 -6.71 -11.15
N ASP A 458 -40.64 -6.55 -10.11
CA ASP A 458 -40.18 -6.16 -8.78
C ASP A 458 -39.23 -7.19 -8.17
N LEU A 459 -39.03 -8.33 -8.84
CA LEU A 459 -38.04 -9.31 -8.41
C LEU A 459 -36.66 -8.68 -8.29
N VAL A 460 -36.32 -7.78 -9.21
CA VAL A 460 -35.00 -7.15 -9.17
C VAL A 460 -34.84 -6.29 -7.92
N THR A 461 -35.87 -5.53 -7.56
CA THR A 461 -35.81 -4.73 -6.34
C THR A 461 -35.78 -5.62 -5.11
N VAL A 462 -36.49 -6.75 -5.14
CA VAL A 462 -36.45 -7.66 -4.00
C VAL A 462 -35.05 -8.24 -3.81
N VAL A 463 -34.40 -8.62 -4.91
CA VAL A 463 -33.06 -9.20 -4.83
C VAL A 463 -32.05 -8.18 -4.35
N VAL A 464 -32.02 -7.02 -4.99
CA VAL A 464 -31.12 -5.93 -4.63
C VAL A 464 -31.96 -4.81 -4.02
N PRO A 465 -31.93 -4.60 -2.71
CA PRO A 465 -32.77 -3.58 -2.09
C PRO A 465 -32.40 -2.19 -2.58
N PRO A 466 -33.31 -1.22 -2.45
CA PRO A 466 -33.01 0.13 -2.97
C PRO A 466 -31.79 0.78 -2.34
N ALA A 467 -31.49 0.49 -1.07
CA ALA A 467 -30.42 1.16 -0.35
C ALA A 467 -29.20 0.27 -0.16
N LEU A 468 -29.06 -0.78 -0.97
CA LEU A 468 -27.89 -1.65 -0.86
C LEU A 468 -26.65 -1.00 -1.46
N PRO A 469 -26.69 -0.49 -2.70
CA PRO A 469 -25.49 0.19 -3.22
C PRO A 469 -25.06 1.37 -2.38
N ALA A 470 -26.03 2.17 -1.91
CA ALA A 470 -25.70 3.29 -1.04
C ALA A 470 -25.08 2.82 0.26
N ALA A 471 -25.60 1.73 0.84
CA ALA A 471 -25.03 1.19 2.06
C ALA A 471 -23.60 0.73 1.86
N MET A 472 -23.32 0.07 0.73
CA MET A 472 -21.96 -0.38 0.46
C MET A 472 -21.01 0.79 0.25
N THR A 473 -21.46 1.81 -0.49
CA THR A 473 -20.61 2.99 -0.70
C THR A 473 -20.33 3.69 0.61
N VAL A 474 -21.34 3.82 1.47
CA VAL A 474 -21.14 4.44 2.78
C VAL A 474 -20.22 3.60 3.66
N CYS A 475 -20.29 2.27 3.55
CA CYS A 475 -19.38 1.41 4.29
C CYS A 475 -17.94 1.65 3.87
N THR A 476 -17.69 1.71 2.56
CA THR A 476 -16.33 1.98 2.10
C THR A 476 -15.88 3.38 2.51
N LEU A 477 -16.80 4.35 2.49
CA LEU A 477 -16.46 5.70 2.92
C LEU A 477 -16.07 5.74 4.39
N TYR A 478 -16.82 5.03 5.24
CA TYR A 478 -16.49 4.99 6.66
C TYR A 478 -15.14 4.33 6.88
N ALA A 479 -14.87 3.24 6.16
CA ALA A 479 -13.57 2.57 6.29
C ALA A 479 -12.43 3.50 5.87
N GLN A 480 -12.61 4.19 4.75
CA GLN A 480 -11.59 5.11 4.26
C GLN A 480 -11.35 6.25 5.24
N SER A 481 -12.42 6.80 5.81
CA SER A 481 -12.27 7.88 6.77
C SER A 481 -11.59 7.41 8.05
N ARG A 482 -11.92 6.19 8.50
CA ARG A 482 -11.26 5.63 9.68
C ARG A 482 -9.77 5.43 9.43
N LEU A 483 -9.41 4.94 8.24
CA LEU A 483 -8.00 4.82 7.89
C LEU A 483 -7.31 6.17 7.84
N ARG A 484 -7.97 7.16 7.23
CA ARG A 484 -7.37 8.48 7.09
C ARG A 484 -7.13 9.14 8.44
N ARG A 485 -8.06 8.95 9.38
CA ARG A 485 -7.86 9.50 10.72
C ARG A 485 -6.67 8.87 11.44
N GLN A 486 -6.20 7.71 10.98
CA GLN A 486 -5.00 7.08 11.51
C GLN A 486 -3.74 7.47 10.74
N GLY A 487 -3.88 8.26 9.68
CA GLY A 487 -2.76 8.67 8.87
C GLY A 487 -2.51 7.86 7.63
N ILE A 488 -3.42 6.98 7.25
CA ILE A 488 -3.25 6.10 6.10
C ILE A 488 -4.16 6.58 4.97
N PHE A 489 -3.57 6.87 3.82
CA PHE A 489 -4.32 7.35 2.65
C PHE A 489 -4.69 6.15 1.78
N CYS A 490 -5.98 6.00 1.51
CA CYS A 490 -6.48 4.91 0.67
C CYS A 490 -7.22 5.52 -0.52
N ILE A 491 -6.54 5.62 -1.67
CA ILE A 491 -7.15 6.11 -2.88
C ILE A 491 -7.90 5.02 -3.64
N HIS A 492 -7.91 3.80 -3.12
CA HIS A 492 -8.67 2.68 -3.70
C HIS A 492 -9.50 2.06 -2.58
N PRO A 493 -10.60 2.72 -2.19
CA PRO A 493 -11.38 2.21 -1.05
C PRO A 493 -11.98 0.83 -1.26
N LEU A 494 -12.14 0.40 -2.52
CA LEU A 494 -12.69 -0.93 -2.78
C LEU A 494 -11.72 -2.03 -2.36
N ARG A 495 -10.44 -1.70 -2.23
CA ARG A 495 -9.43 -2.68 -1.84
C ARG A 495 -9.24 -2.77 -0.33
N ILE A 496 -10.02 -2.01 0.45
CA ILE A 496 -9.91 -2.09 1.91
C ILE A 496 -10.35 -3.46 2.39
N ASN A 497 -11.40 -4.02 1.78
CA ASN A 497 -11.86 -5.35 2.17
C ASN A 497 -10.79 -6.41 1.93
N LEU A 498 -9.90 -6.17 0.98
CA LEU A 498 -8.81 -7.10 0.72
C LEU A 498 -7.81 -7.16 1.87
N GLY A 499 -7.78 -6.15 2.74
CA GLY A 499 -6.89 -6.19 3.88
C GLY A 499 -7.29 -7.23 4.91
N GLY A 500 -8.57 -7.57 4.96
CA GLY A 500 -9.05 -8.61 5.84
C GLY A 500 -8.93 -10.01 5.28
N LYS A 501 -8.44 -10.14 4.05
CA LYS A 501 -8.21 -11.43 3.43
C LYS A 501 -6.73 -11.79 3.34
N LEU A 502 -5.85 -10.92 3.83
CA LEU A 502 -4.41 -11.13 3.68
C LEU A 502 -3.96 -12.38 4.44
N GLN A 503 -3.17 -13.20 3.76
CA GLN A 503 -2.51 -14.34 4.38
C GLN A 503 -1.00 -14.22 4.39
N LEU A 504 -0.44 -13.25 3.66
CA LEU A 504 1.00 -13.09 3.54
C LEU A 504 1.29 -11.62 3.32
N VAL A 505 2.34 -11.11 3.97
CA VAL A 505 2.77 -9.73 3.81
C VAL A 505 4.25 -9.74 3.45
N CYS A 506 4.59 -9.11 2.32
CA CYS A 506 5.98 -8.95 1.92
C CYS A 506 6.49 -7.61 2.40
N PHE A 507 7.68 -7.61 3.00
CA PHE A 507 8.25 -6.43 3.63
C PHE A 507 9.57 -6.08 2.96
N ASP A 508 9.68 -4.85 2.48
CA ASP A 508 10.99 -4.30 2.16
C ASP A 508 11.77 -4.11 3.45
N LYS A 509 13.10 -4.15 3.37
CA LYS A 509 13.93 -4.05 4.56
C LYS A 509 14.47 -2.64 4.79
N THR A 510 15.21 -2.10 3.83
CA THR A 510 15.86 -0.81 4.00
C THR A 510 14.83 0.31 3.85
N GLY A 511 14.60 1.06 4.94
CA GLY A 511 13.63 2.12 4.95
C GLY A 511 12.24 1.70 5.35
N THR A 512 11.98 0.40 5.43
CA THR A 512 10.68 -0.13 5.84
C THR A 512 10.77 -0.87 7.16
N LEU A 513 11.61 -1.90 7.25
CA LEU A 513 11.86 -2.58 8.51
C LEU A 513 13.02 -1.97 9.27
N THR A 514 14.04 -1.48 8.57
CA THR A 514 15.22 -0.88 9.17
C THR A 514 15.37 0.55 8.67
N GLU A 515 16.35 1.26 9.24
CA GLU A 515 16.63 2.61 8.78
C GLU A 515 17.28 2.58 7.40
N ASP A 516 17.37 3.76 6.78
CA ASP A 516 17.90 3.83 5.42
C ASP A 516 19.39 3.55 5.37
N GLY A 517 20.14 4.00 6.38
CA GLY A 517 21.57 3.84 6.37
C GLY A 517 22.12 2.98 7.49
N LEU A 518 23.41 3.11 7.76
CA LEU A 518 24.08 2.35 8.81
C LEU A 518 24.22 3.20 10.07
N ASP A 519 23.79 2.64 11.20
CA ASP A 519 23.95 3.28 12.49
C ASP A 519 24.96 2.51 13.32
N VAL A 520 25.53 3.19 14.31
CA VAL A 520 26.58 2.60 15.14
C VAL A 520 25.98 1.50 15.99
N MET A 521 26.42 0.26 15.77
CA MET A 521 26.04 -0.84 16.64
C MET A 521 26.75 -0.77 17.98
N GLY A 522 27.99 -0.33 17.99
CA GLY A 522 28.76 -0.25 19.21
C GLY A 522 30.25 -0.30 18.91
N VAL A 523 31.04 -0.18 19.97
CA VAL A 523 32.48 -0.25 19.88
C VAL A 523 32.96 -1.42 20.74
N VAL A 524 33.91 -2.18 20.21
CA VAL A 524 34.43 -3.36 20.88
C VAL A 524 35.81 -3.04 21.44
N PRO A 525 35.92 -2.66 22.72
CA PRO A 525 37.24 -2.29 23.25
C PRO A 525 38.17 -3.47 23.42
N LEU A 526 39.39 -3.20 23.88
CA LEU A 526 40.36 -4.24 24.18
C LEU A 526 40.96 -3.99 25.55
N LYS A 527 40.98 -5.03 26.37
CA LYS A 527 41.66 -4.99 27.66
C LYS A 527 42.83 -5.96 27.61
N GLY A 528 44.04 -5.46 27.84
CA GLY A 528 45.21 -6.30 27.73
C GLY A 528 45.48 -6.73 26.31
N GLN A 529 45.25 -8.01 26.02
CA GLN A 529 45.51 -8.56 24.69
C GLN A 529 44.27 -9.12 24.02
N ALA A 530 43.14 -9.24 24.72
CA ALA A 530 41.94 -9.86 24.17
C ALA A 530 40.81 -8.86 24.14
N PHE A 531 39.81 -9.15 23.32
CA PHE A 531 38.67 -8.27 23.14
C PHE A 531 37.86 -8.15 24.43
N LEU A 532 37.01 -7.14 24.46
CA LEU A 532 36.02 -6.91 25.50
C LEU A 532 34.62 -6.98 24.90
N PRO A 533 33.60 -7.15 25.72
CA PRO A 533 32.23 -7.15 25.20
C PRO A 533 31.90 -5.84 24.50
N LEU A 534 31.06 -5.94 23.47
CA LEU A 534 30.66 -4.76 22.71
C LEU A 534 29.98 -3.75 23.60
N VAL A 535 30.31 -2.47 23.40
CA VAL A 535 29.70 -1.38 24.15
C VAL A 535 28.74 -0.64 23.23
N PRO A 536 27.42 -0.81 23.40
CA PRO A 536 26.48 -0.17 22.46
C PRO A 536 26.58 1.34 22.42
N GLU A 537 26.94 1.98 23.53
CA GLU A 537 27.06 3.43 23.59
C GLU A 537 28.52 3.82 23.77
N PRO A 538 29.23 4.23 22.71
CA PRO A 538 30.63 4.62 22.88
C PRO A 538 30.85 5.80 23.80
N ARG A 539 29.82 6.62 24.06
CA ARG A 539 29.96 7.72 24.99
C ARG A 539 30.08 7.26 26.43
N ARG A 540 29.62 6.05 26.73
CA ARG A 540 29.76 5.48 28.07
C ARG A 540 31.18 5.02 28.36
N LEU A 541 32.07 5.03 27.36
CA LEU A 541 33.45 4.65 27.55
C LEU A 541 34.16 5.62 28.47
N PRO A 542 35.22 5.18 29.15
CA PRO A 542 36.01 6.11 29.97
C PRO A 542 36.78 7.10 29.11
N VAL A 543 37.48 8.04 29.74
CA VAL A 543 38.30 9.01 29.00
C VAL A 543 39.65 8.35 28.76
N GLY A 544 39.70 7.58 27.68
CA GLY A 544 40.90 6.87 27.31
C GLY A 544 41.23 7.04 25.86
N PRO A 545 42.25 6.31 25.37
CA PRO A 545 42.63 6.45 23.95
C PRO A 545 41.53 6.10 22.98
N LEU A 546 40.70 5.11 23.30
CA LEU A 546 39.65 4.71 22.37
C LEU A 546 38.58 5.79 22.22
N LEU A 547 38.22 6.46 23.31
CA LEU A 547 37.20 7.51 23.24
C LEU A 547 37.68 8.68 22.40
N ARG A 548 38.92 9.12 22.62
CA ARG A 548 39.46 10.20 21.82
C ARG A 548 39.68 9.79 20.37
N ALA A 549 40.00 8.52 20.13
CA ALA A 549 40.11 8.04 18.75
C ALA A 549 38.76 8.08 18.05
N LEU A 550 37.71 7.63 18.74
CA LEU A 550 36.37 7.71 18.15
C LEU A 550 35.95 9.16 17.93
N ALA A 551 36.32 10.06 18.83
CA ALA A 551 35.89 11.44 18.72
C ALA A 551 36.61 12.20 17.62
N THR A 552 37.94 12.03 17.51
CA THR A 552 38.76 12.94 16.74
C THR A 552 39.37 12.36 15.48
N CYS A 553 39.30 11.05 15.27
CA CYS A 553 39.97 10.45 14.11
C CYS A 553 39.01 10.45 12.94
N HIS A 554 39.02 11.54 12.18
CA HIS A 554 38.14 11.76 11.04
C HIS A 554 38.60 13.04 10.34
N ALA A 555 37.84 13.47 9.35
CA ALA A 555 38.09 14.72 8.63
C ALA A 555 36.82 15.55 8.53
N LEU A 556 36.12 15.70 9.64
CA LEU A 556 34.86 16.45 9.66
C LEU A 556 35.12 17.94 9.58
N SER A 557 34.12 18.66 9.07
CA SER A 557 34.18 20.11 8.93
C SER A 557 32.86 20.72 9.38
N ARG A 558 32.91 22.00 9.71
CA ARG A 558 31.73 22.75 10.12
C ARG A 558 31.23 23.59 8.96
N LEU A 559 29.96 23.40 8.61
CA LEU A 559 29.32 24.19 7.55
C LEU A 559 27.89 24.46 7.99
N GLN A 560 27.56 25.73 8.18
CA GLN A 560 26.25 26.16 8.66
C GLN A 560 25.90 25.46 9.98
N ASP A 561 26.78 25.68 10.96
CA ASP A 561 26.67 25.18 12.34
C ASP A 561 26.31 23.70 12.40
N THR A 562 26.65 22.93 11.37
CA THR A 562 26.44 21.50 11.36
C THR A 562 27.69 20.79 10.88
N PRO A 563 28.02 19.63 11.44
CA PRO A 563 29.18 18.87 10.95
C PRO A 563 28.92 18.28 9.58
N VAL A 564 29.86 18.49 8.66
CA VAL A 564 29.75 18.01 7.29
C VAL A 564 30.99 17.18 6.99
N GLY A 565 30.78 15.95 6.50
CA GLY A 565 31.90 15.07 6.21
C GLY A 565 31.43 13.67 5.89
N ASP A 566 32.32 12.71 6.14
CA ASP A 566 32.03 11.32 5.85
C ASP A 566 30.86 10.84 6.70
N PRO A 567 29.88 10.15 6.11
CA PRO A 567 28.71 9.73 6.89
C PRO A 567 29.06 8.81 8.06
N MET A 568 30.00 7.89 7.87
CA MET A 568 30.41 7.01 8.96
C MET A 568 31.11 7.79 10.07
N ASP A 569 31.95 8.76 9.69
CA ASP A 569 32.57 9.64 10.68
C ASP A 569 31.51 10.44 11.44
N LEU A 570 30.51 10.94 10.72
CA LEU A 570 29.42 11.68 11.37
C LEU A 570 28.70 10.80 12.39
N LYS A 571 28.37 9.56 12.00
CA LYS A 571 27.69 8.66 12.90
C LYS A 571 28.56 8.33 14.11
N MET A 572 29.86 8.11 13.88
CA MET A 572 30.76 7.77 14.98
C MET A 572 30.88 8.92 15.97
N VAL A 573 31.01 10.16 15.48
CA VAL A 573 31.13 11.29 16.38
C VAL A 573 29.81 11.57 17.09
N GLU A 574 28.67 11.37 16.41
CA GLU A 574 27.39 11.50 17.09
C GLU A 574 27.27 10.46 18.21
N SER A 575 27.69 9.23 17.95
CA SER A 575 27.61 8.18 18.96
C SER A 575 28.50 8.50 20.15
N THR A 576 29.72 9.00 19.90
CA THR A 576 30.63 9.28 20.99
C THR A 576 30.19 10.48 21.82
N GLY A 577 29.31 11.33 21.28
CA GLY A 577 28.77 12.44 22.02
C GLY A 577 29.63 13.68 22.08
N TRP A 578 30.84 13.63 21.54
CA TRP A 578 31.73 14.78 21.58
C TRP A 578 31.30 15.83 20.55
N VAL A 579 31.64 17.08 20.83
CA VAL A 579 31.17 18.22 20.06
C VAL A 579 32.33 18.83 19.30
N LEU A 580 32.15 18.98 17.99
CA LEU A 580 33.15 19.61 17.12
C LEU A 580 33.08 21.12 17.26
N GLU A 581 34.25 21.75 17.37
CA GLU A 581 34.33 23.20 17.49
C GLU A 581 35.61 23.73 16.88
N ASP A 587 44.39 22.76 14.24
CA ASP A 587 43.67 22.17 13.10
C ASP A 587 42.18 22.05 13.41
N SER A 588 41.87 21.58 14.62
CA SER A 588 40.50 21.44 15.08
C SER A 588 40.52 21.18 16.57
N ALA A 589 39.38 21.41 17.22
CA ALA A 589 39.24 21.15 18.65
C ALA A 589 37.94 20.41 18.91
N PHE A 590 37.97 19.52 19.90
CA PHE A 590 36.81 18.73 20.30
C PHE A 590 36.55 18.92 21.78
N GLY A 591 35.32 19.32 22.12
CA GLY A 591 34.90 19.40 23.51
C GLY A 591 34.12 18.15 23.89
N THR A 592 34.29 17.74 25.15
CA THR A 592 33.59 16.57 25.66
C THR A 592 32.09 16.83 25.70
N GLN A 593 31.31 15.74 25.74
CA GLN A 593 29.86 15.85 25.75
C GLN A 593 29.34 16.69 26.93
N VAL A 594 30.10 16.76 28.02
CA VAL A 594 29.69 17.55 29.16
C VAL A 594 30.87 18.35 29.70
N PRO A 614 36.39 15.62 31.51
CA PRO A 614 37.61 15.34 30.75
C PRO A 614 38.29 16.59 30.23
N VAL A 615 39.00 16.47 29.12
CA VAL A 615 39.78 17.57 28.55
C VAL A 615 39.42 17.69 27.08
N PRO A 616 39.20 18.91 26.56
CA PRO A 616 38.96 19.07 25.12
C PRO A 616 40.24 18.88 24.32
N VAL A 617 40.30 17.80 23.53
CA VAL A 617 41.50 17.44 22.79
C VAL A 617 41.48 18.16 21.44
N SER A 618 42.67 18.60 21.00
CA SER A 618 42.81 19.40 19.79
C SER A 618 43.63 18.62 18.77
N VAL A 619 43.11 18.53 17.55
CA VAL A 619 43.84 17.86 16.47
C VAL A 619 45.02 18.73 16.05
N LEU A 620 46.21 18.13 16.00
CA LEU A 620 47.41 18.85 15.62
C LEU A 620 47.82 18.62 14.17
N HIS A 621 47.37 17.52 13.56
CA HIS A 621 47.66 17.21 12.17
C HIS A 621 46.67 16.15 11.73
N ARG A 622 46.56 15.96 10.42
CA ARG A 622 45.61 15.00 9.89
C ARG A 622 46.13 14.45 8.57
N PHE A 623 46.12 13.12 8.44
CA PHE A 623 46.47 12.47 7.19
C PHE A 623 45.20 12.03 6.49
N PRO A 624 44.95 12.47 5.27
CA PRO A 624 43.65 12.21 4.63
C PRO A 624 43.45 10.73 4.36
N PHE A 625 42.17 10.35 4.31
CA PHE A 625 41.80 8.98 3.99
C PHE A 625 42.06 8.71 2.52
N SER A 626 42.77 7.62 2.24
CA SER A 626 43.13 7.25 0.88
C SER A 626 42.47 5.93 0.50
N SER A 627 41.98 5.85 -0.74
CA SER A 627 41.35 4.63 -1.23
C SER A 627 42.35 3.52 -1.48
N ALA A 628 43.65 3.80 -1.41
CA ALA A 628 44.67 2.78 -1.54
C ALA A 628 45.07 2.19 -0.19
N LEU A 629 45.34 3.07 0.79
CA LEU A 629 45.71 2.61 2.13
C LEU A 629 44.50 2.21 2.97
N GLN A 630 43.29 2.61 2.56
CA GLN A 630 42.06 2.25 3.27
C GLN A 630 42.12 2.64 4.75
N ARG A 631 42.78 3.76 5.05
CA ARG A 631 42.89 4.21 6.43
C ARG A 631 43.25 5.69 6.45
N MET A 632 43.00 6.30 7.60
CA MET A 632 43.35 7.70 7.83
C MET A 632 43.98 7.83 9.20
N SER A 633 44.75 8.89 9.38
CA SER A 633 45.46 9.12 10.63
C SER A 633 45.28 10.56 11.08
N VAL A 634 45.27 10.76 12.39
CA VAL A 634 45.26 12.09 13.00
C VAL A 634 46.28 12.10 14.12
N VAL A 635 46.73 13.30 14.47
CA VAL A 635 47.63 13.53 15.59
C VAL A 635 46.96 14.57 16.48
N VAL A 636 46.68 14.20 17.72
CA VAL A 636 45.97 15.08 18.64
C VAL A 636 46.82 15.31 19.87
N ALA A 637 46.47 16.37 20.60
CA ALA A 637 47.09 16.65 21.89
C ALA A 637 46.07 17.39 22.74
N TRP A 638 46.29 17.35 24.05
CA TRP A 638 45.39 17.99 24.99
C TRP A 638 46.23 18.56 26.13
N PRO A 639 45.77 19.64 26.77
CA PRO A 639 46.49 20.13 27.95
C PRO A 639 46.50 19.09 29.06
N GLY A 640 47.62 19.01 29.77
CA GLY A 640 47.79 17.99 30.79
C GLY A 640 48.29 16.67 30.26
N ALA A 641 48.81 16.62 29.04
CA ALA A 641 49.34 15.41 28.45
C ALA A 641 50.86 15.47 28.38
N THR A 642 51.47 14.29 28.30
CA THR A 642 52.92 14.19 28.22
C THR A 642 53.44 14.25 26.80
N GLN A 643 52.63 13.90 25.80
CA GLN A 643 53.07 13.84 24.42
C GLN A 643 51.83 13.70 23.53
N PRO A 644 51.94 14.04 22.25
CA PRO A 644 50.82 13.83 21.33
C PRO A 644 50.52 12.35 21.15
N GLU A 645 49.32 12.08 20.68
CA GLU A 645 48.83 10.71 20.50
C GLU A 645 48.23 10.58 19.12
N ALA A 646 48.82 9.73 18.29
CA ALA A 646 48.40 9.57 16.90
C ALA A 646 47.46 8.39 16.77
N TYR A 647 46.32 8.62 16.11
CA TYR A 647 45.31 7.58 15.90
C TYR A 647 45.26 7.17 14.44
N VAL A 648 44.76 5.96 14.22
CA VAL A 648 44.59 5.41 12.87
C VAL A 648 43.22 4.72 12.82
N LYS A 649 42.47 4.99 11.75
CA LYS A 649 41.16 4.38 11.57
C LYS A 649 41.04 3.92 10.12
N GLY A 650 40.65 2.68 9.92
CA GLY A 650 40.50 2.17 8.57
C GLY A 650 40.06 0.73 8.56
N SER A 651 40.27 0.09 7.42
CA SER A 651 39.85 -1.28 7.24
C SER A 651 40.51 -2.17 8.30
N PRO A 652 39.74 -2.98 9.03
CA PRO A 652 40.33 -3.73 10.16
C PRO A 652 41.43 -4.68 9.75
N GLU A 653 41.30 -5.34 8.59
CA GLU A 653 42.27 -6.35 8.19
C GLU A 653 43.65 -5.75 7.98
N LEU A 654 43.73 -4.56 7.41
CA LEU A 654 45.01 -3.93 7.12
C LEU A 654 45.48 -3.02 8.25
N VAL A 655 44.54 -2.40 8.97
CA VAL A 655 44.92 -1.62 10.14
C VAL A 655 45.53 -2.53 11.20
N ALA A 656 44.95 -3.70 11.42
CA ALA A 656 45.54 -4.65 12.36
C ALA A 656 46.88 -5.18 11.88
N GLY A 657 47.22 -5.01 10.61
CA GLY A 657 48.54 -5.35 10.12
C GLY A 657 49.62 -4.34 10.46
N LEU A 658 49.24 -3.20 11.01
CA LEU A 658 50.19 -2.20 11.47
C LEU A 658 50.42 -2.27 12.97
N CYS A 659 49.48 -2.80 13.74
CA CYS A 659 49.63 -2.87 15.18
C CYS A 659 50.67 -3.91 15.57
N ASN A 660 51.09 -3.87 16.83
CA ASN A 660 52.02 -4.85 17.33
C ASN A 660 51.35 -6.22 17.44
N PRO A 661 52.12 -7.30 17.22
CA PRO A 661 51.52 -8.64 17.34
C PRO A 661 51.01 -8.96 18.75
N GLU A 662 51.52 -8.28 19.77
CA GLU A 662 51.08 -8.50 21.14
C GLU A 662 49.91 -7.61 21.54
N THR A 663 49.38 -6.81 20.62
CA THR A 663 48.19 -6.02 20.86
C THR A 663 46.96 -6.52 20.11
N VAL A 664 47.16 -7.13 18.95
CA VAL A 664 46.04 -7.72 18.20
C VAL A 664 45.70 -9.08 18.80
N PRO A 665 44.45 -9.33 19.17
CA PRO A 665 44.10 -10.64 19.74
C PRO A 665 44.24 -11.75 18.71
N THR A 666 44.49 -12.96 19.23
CA THR A 666 44.62 -14.12 18.35
C THR A 666 43.32 -14.47 17.65
N ASP A 667 42.17 -14.16 18.25
CA ASP A 667 40.87 -14.40 17.64
C ASP A 667 40.37 -13.19 16.85
N PHE A 668 41.28 -12.36 16.34
CA PHE A 668 40.87 -11.18 15.58
C PHE A 668 40.17 -11.58 14.29
N ALA A 669 40.74 -12.52 13.54
CA ALA A 669 40.16 -12.93 12.27
C ALA A 669 38.81 -13.60 12.46
N GLN A 670 38.68 -14.44 13.49
CA GLN A 670 37.40 -15.12 13.73
C GLN A 670 36.32 -14.13 14.11
N MET A 671 36.63 -13.16 14.99
CA MET A 671 35.63 -12.17 15.37
C MET A 671 35.27 -11.27 14.20
N LEU A 672 36.26 -10.90 13.38
CA LEU A 672 35.99 -10.10 12.19
C LEU A 672 35.09 -10.85 11.21
N GLN A 673 35.34 -12.14 11.03
CA GLN A 673 34.47 -12.95 10.17
C GLN A 673 33.07 -13.04 10.74
N SER A 674 32.95 -13.21 12.06
CA SER A 674 31.63 -13.27 12.68
C SER A 674 30.86 -11.98 12.50
N TYR A 675 31.54 -10.84 12.60
CA TYR A 675 30.87 -9.55 12.43
C TYR A 675 30.53 -9.29 10.96
N THR A 676 31.44 -9.60 10.04
CA THR A 676 31.20 -9.33 8.63
C THR A 676 30.31 -10.37 7.96
N ALA A 677 30.04 -11.49 8.62
CA ALA A 677 29.08 -12.46 8.11
C ALA A 677 27.65 -12.11 8.50
N ALA A 678 27.46 -11.04 9.28
CA ALA A 678 26.14 -10.58 9.67
C ALA A 678 25.76 -9.25 9.01
N GLY A 679 26.57 -8.79 8.05
CA GLY A 679 26.27 -7.54 7.39
C GLY A 679 26.68 -6.30 8.15
N TYR A 680 27.69 -6.40 9.01
CA TYR A 680 28.17 -5.27 9.79
C TYR A 680 29.39 -4.66 9.12
N ARG A 681 29.53 -3.35 9.28
CA ARG A 681 30.65 -2.58 8.72
C ARG A 681 31.61 -2.28 9.88
N VAL A 682 32.59 -3.15 10.05
CA VAL A 682 33.58 -3.01 11.11
C VAL A 682 34.73 -2.16 10.61
N VAL A 683 35.16 -1.21 11.45
CA VAL A 683 36.30 -0.34 11.14
C VAL A 683 37.19 -0.30 12.39
N ALA A 684 38.46 -0.61 12.22
CA ALA A 684 39.36 -0.71 13.36
C ALA A 684 39.97 0.63 13.72
N LEU A 685 40.41 0.74 14.97
CA LEU A 685 41.06 1.93 15.49
C LEU A 685 42.37 1.52 16.16
N ALA A 686 43.38 2.38 16.03
CA ALA A 686 44.70 2.10 16.61
C ALA A 686 45.32 3.42 17.05
N SER A 687 46.33 3.32 17.91
CA SER A 687 46.98 4.51 18.44
C SER A 687 48.41 4.16 18.86
N LYS A 688 49.20 5.20 19.08
CA LYS A 688 50.56 5.06 19.56
C LYS A 688 51.04 6.38 20.17
N PRO A 689 51.51 6.37 21.41
CA PRO A 689 52.17 7.56 21.94
C PRO A 689 53.32 8.00 21.06
N LEU A 690 53.38 9.30 20.77
CA LEU A 690 54.42 9.85 19.93
C LEU A 690 55.47 10.55 20.79
N PRO A 691 56.75 10.18 20.69
CA PRO A 691 57.79 10.89 21.45
C PRO A 691 58.02 12.32 21.01
N THR A 692 57.29 12.81 20.01
CA THR A 692 57.42 14.18 19.55
C THR A 692 56.98 15.15 20.64
N VAL A 693 57.60 16.33 20.65
CA VAL A 693 57.18 17.40 21.57
C VAL A 693 55.77 17.85 21.19
N PRO A 694 54.88 18.11 22.17
CA PRO A 694 53.53 18.53 21.83
C PRO A 694 53.47 19.95 21.26
N SER A 695 53.89 20.09 20.01
CA SER A 695 53.88 21.38 19.32
C SER A 695 53.57 21.16 17.84
N LEU A 696 53.00 22.19 17.22
CA LEU A 696 52.67 22.13 15.80
C LEU A 696 53.88 22.37 14.90
N GLU A 697 55.03 22.75 15.46
CA GLU A 697 56.22 22.96 14.66
C GLU A 697 56.86 21.64 14.22
N ALA A 698 56.56 20.55 14.91
CA ALA A 698 57.09 19.23 14.56
C ALA A 698 56.02 18.22 14.19
N ALA A 699 54.84 18.30 14.81
CA ALA A 699 53.76 17.37 14.49
C ALA A 699 53.14 17.63 13.13
N GLN A 700 53.35 18.81 12.56
CA GLN A 700 52.85 19.13 11.22
C GLN A 700 53.79 18.66 10.12
N GLN A 701 55.00 18.23 10.46
CA GLN A 701 55.98 17.75 9.48
C GLN A 701 56.19 16.25 9.55
N LEU A 702 55.38 15.53 10.33
CA LEU A 702 55.54 14.09 10.46
C LEU A 702 55.05 13.39 9.20
N THR A 703 55.87 12.50 8.64
CA THR A 703 55.46 11.73 7.49
C THR A 703 54.50 10.62 7.93
N ARG A 704 53.66 10.19 6.99
CA ARG A 704 52.63 9.21 7.30
C ARG A 704 53.22 7.85 7.67
N ASP A 705 54.31 7.47 7.01
CA ASP A 705 54.88 6.14 7.22
C ASP A 705 55.36 5.94 8.65
N THR A 706 55.82 7.01 9.31
CA THR A 706 56.30 6.87 10.68
C THR A 706 55.16 6.69 11.67
N VAL A 707 54.02 7.34 11.43
CA VAL A 707 52.92 7.22 12.38
C VAL A 707 52.06 5.99 12.09
N GLU A 708 52.08 5.48 10.85
CA GLU A 708 51.30 4.30 10.54
C GLU A 708 51.91 3.03 11.13
N GLY A 709 53.17 3.05 11.53
CA GLY A 709 53.85 1.86 12.00
C GLY A 709 53.87 1.74 13.51
N ASP A 710 53.88 0.49 13.98
CA ASP A 710 53.95 0.15 15.40
C ASP A 710 52.79 0.82 16.14
N LEU A 711 51.57 0.37 15.83
CA LEU A 711 50.38 0.92 16.45
C LEU A 711 49.97 0.07 17.65
N SER A 712 48.78 0.33 18.17
CA SER A 712 48.20 -0.46 19.26
C SER A 712 46.70 -0.51 19.02
N LEU A 713 46.17 -1.68 18.68
CA LEU A 713 44.76 -1.80 18.36
C LEU A 713 43.91 -1.40 19.56
N LEU A 714 43.13 -0.34 19.39
CA LEU A 714 42.27 0.16 20.46
C LEU A 714 40.92 -0.53 20.49
N GLY A 715 40.39 -0.88 19.34
CA GLY A 715 39.09 -1.53 19.28
C GLY A 715 38.50 -1.45 17.90
N LEU A 716 37.29 -1.97 17.77
CA LEU A 716 36.54 -1.99 16.54
C LEU A 716 35.27 -1.17 16.69
N LEU A 717 34.85 -0.55 15.60
CA LEU A 717 33.61 0.24 15.58
C LEU A 717 32.65 -0.44 14.61
N VAL A 718 31.58 -1.01 15.15
CA VAL A 718 30.65 -1.81 14.36
C VAL A 718 29.50 -0.93 13.89
N MET A 719 29.33 -0.84 12.58
CA MET A 719 28.21 -0.15 11.95
C MET A 719 27.23 -1.19 11.43
N ARG A 720 25.94 -0.97 11.68
CA ARG A 720 24.92 -1.91 11.25
C ARG A 720 23.69 -1.16 10.76
N ASN A 721 22.92 -1.84 9.91
CA ASN A 721 21.61 -1.32 9.52
C ASN A 721 20.63 -1.58 10.66
N LEU A 722 20.11 -0.50 11.26
CA LEU A 722 19.41 -0.57 12.52
C LEU A 722 17.92 -0.78 12.29
N LEU A 723 17.34 -1.75 13.00
CA LEU A 723 15.90 -1.96 12.96
C LEU A 723 15.17 -0.79 13.62
N LYS A 724 14.04 -0.42 13.04
CA LYS A 724 13.21 0.60 13.65
C LYS A 724 12.51 0.03 14.90
N PRO A 725 12.29 0.86 15.92
CA PRO A 725 11.68 0.34 17.15
C PRO A 725 10.26 -0.18 16.96
N GLN A 726 9.58 0.24 15.90
CA GLN A 726 8.20 -0.15 15.64
C GLN A 726 8.09 -1.39 14.77
N THR A 727 9.21 -2.03 14.44
CA THR A 727 9.21 -3.14 13.51
C THR A 727 9.03 -4.49 14.21
N THR A 728 9.81 -4.73 15.27
CA THR A 728 9.73 -6.01 15.97
C THR A 728 8.37 -6.28 16.57
N PRO A 729 7.72 -5.35 17.30
CA PRO A 729 6.37 -5.66 17.80
C PRO A 729 5.38 -5.99 16.70
N VAL A 730 5.45 -5.28 15.58
CA VAL A 730 4.53 -5.53 14.47
C VAL A 730 4.78 -6.90 13.87
N ILE A 731 6.05 -7.27 13.68
CA ILE A 731 6.35 -8.57 13.09
C ILE A 731 5.90 -9.69 14.02
N GLN A 732 6.13 -9.55 15.33
CA GLN A 732 5.66 -10.55 16.27
C GLN A 732 4.13 -10.62 16.29
N ALA A 733 3.46 -9.47 16.13
CA ALA A 733 2.01 -9.47 16.08
C ALA A 733 1.49 -10.23 14.87
N LEU A 734 2.08 -9.98 13.70
CA LEU A 734 1.66 -10.70 12.50
C LEU A 734 1.97 -12.19 12.61
N ARG A 735 3.12 -12.56 13.16
CA ARG A 735 3.43 -13.97 13.31
C ARG A 735 2.55 -14.65 14.36
N ARG A 736 2.02 -13.89 15.32
CA ARG A 736 1.11 -14.46 16.30
C ARG A 736 -0.23 -14.81 15.69
N THR A 737 -0.71 -13.99 14.75
CA THR A 737 -1.97 -14.22 14.07
C THR A 737 -1.82 -15.12 12.84
N ARG A 738 -0.70 -15.82 12.72
CA ARG A 738 -0.46 -16.77 11.63
C ARG A 738 -0.58 -16.10 10.26
N ILE A 739 0.01 -14.92 10.13
CA ILE A 739 0.17 -14.23 8.86
C ILE A 739 1.64 -14.30 8.48
N ARG A 740 1.92 -14.83 7.28
CA ARG A 740 3.30 -15.02 6.86
C ARG A 740 3.98 -13.68 6.65
N ALA A 741 5.17 -13.52 7.22
CA ALA A 741 5.99 -12.35 7.02
C ALA A 741 7.18 -12.73 6.14
N VAL A 742 7.31 -12.06 5.01
CA VAL A 742 8.35 -12.33 4.03
C VAL A 742 9.13 -11.05 3.81
N MET A 743 10.46 -11.14 3.91
CA MET A 743 11.34 -10.00 3.69
C MET A 743 11.81 -10.01 2.25
N VAL A 744 11.43 -8.97 1.50
CA VAL A 744 11.77 -8.85 0.10
C VAL A 744 12.61 -7.59 -0.02
N THR A 745 13.93 -7.75 -0.13
CA THR A 745 14.85 -6.64 -0.08
C THR A 745 15.83 -6.69 -1.25
N GLY A 746 16.44 -5.54 -1.52
CA GLY A 746 17.45 -5.44 -2.54
C GLY A 746 18.86 -5.45 -1.98
N ASP A 747 18.96 -5.55 -0.66
CA ASP A 747 20.24 -5.60 0.03
C ASP A 747 20.83 -7.01 -0.04
N ASN A 748 22.04 -7.19 0.49
CA ASN A 748 22.70 -8.47 0.41
C ASN A 748 22.02 -9.48 1.32
N LEU A 749 22.47 -10.73 1.24
CA LEU A 749 21.83 -11.81 1.98
C LEU A 749 22.18 -11.78 3.46
N GLN A 750 23.41 -11.39 3.82
CA GLN A 750 23.81 -11.42 5.22
C GLN A 750 23.03 -10.40 6.04
N THR A 751 22.92 -9.17 5.55
CA THR A 751 22.18 -8.14 6.27
C THR A 751 20.70 -8.52 6.38
N ALA A 752 20.12 -9.02 5.28
CA ALA A 752 18.71 -9.40 5.30
C ALA A 752 18.46 -10.53 6.29
N VAL A 753 19.34 -11.54 6.31
CA VAL A 753 19.18 -12.65 7.24
C VAL A 753 19.33 -12.18 8.67
N THR A 754 20.31 -11.31 8.95
CA THR A 754 20.50 -10.79 10.30
C THR A 754 19.28 -10.00 10.75
N VAL A 755 18.75 -9.15 9.87
CA VAL A 755 17.58 -8.36 10.22
C VAL A 755 16.37 -9.25 10.46
N ALA A 756 16.20 -10.28 9.63
CA ALA A 756 15.09 -11.21 9.84
C ALA A 756 15.21 -11.95 11.16
N ARG A 757 16.42 -12.40 11.50
CA ARG A 757 16.59 -13.13 12.75
C ARG A 757 16.37 -12.23 13.96
N GLY A 758 16.91 -11.02 13.93
CA GLY A 758 16.73 -10.10 15.04
C GLY A 758 15.41 -9.35 15.05
N CYS A 759 14.60 -9.55 14.02
CA CYS A 759 13.34 -8.84 13.84
C CYS A 759 12.14 -9.65 14.28
N GLY A 760 12.21 -10.97 14.21
CA GLY A 760 11.11 -11.84 14.56
C GLY A 760 10.58 -12.68 13.43
N MET A 761 10.99 -12.42 12.18
CA MET A 761 10.57 -13.27 11.07
C MET A 761 11.08 -14.69 11.24
N VAL A 762 12.31 -14.85 11.71
CA VAL A 762 12.89 -16.15 12.02
C VAL A 762 13.13 -16.18 13.52
N ALA A 763 12.39 -17.03 14.22
CA ALA A 763 12.56 -17.16 15.66
C ALA A 763 13.90 -17.84 15.96
N PRO A 764 14.44 -17.62 17.16
CA PRO A 764 15.76 -18.21 17.49
C PRO A 764 15.77 -19.73 17.46
N GLN A 765 14.62 -20.39 17.58
CA GLN A 765 14.56 -21.85 17.57
C GLN A 765 14.10 -22.40 16.23
N GLU A 766 13.92 -21.56 15.22
CA GLU A 766 13.44 -21.98 13.91
C GLU A 766 14.60 -22.07 12.93
N HIS A 767 14.62 -23.16 12.14
CA HIS A 767 15.71 -23.40 11.22
C HIS A 767 15.64 -22.44 10.03
N LEU A 768 16.81 -21.99 9.58
CA LEU A 768 16.93 -21.18 8.38
C LEU A 768 17.89 -21.86 7.43
N ILE A 769 17.47 -22.03 6.18
CA ILE A 769 18.25 -22.71 5.15
C ILE A 769 18.52 -21.71 4.04
N ILE A 770 19.77 -21.61 3.60
CA ILE A 770 20.13 -20.77 2.47
C ILE A 770 20.13 -21.64 1.22
N VAL A 771 19.34 -21.24 0.22
CA VAL A 771 19.26 -21.92 -1.05
C VAL A 771 20.14 -21.16 -2.05
N HIS A 772 21.07 -21.86 -2.68
CA HIS A 772 22.01 -21.24 -3.61
C HIS A 772 21.97 -21.99 -4.93
N ALA A 773 21.43 -21.34 -5.95
CA ALA A 773 21.37 -21.91 -7.29
C ALA A 773 22.63 -21.53 -8.06
N THR A 774 23.21 -22.52 -8.75
CA THR A 774 24.42 -22.31 -9.54
C THR A 774 24.06 -22.16 -11.00
N HIS A 775 24.63 -21.14 -11.64
CA HIS A 775 24.37 -20.90 -13.05
C HIS A 775 24.87 -22.07 -13.89
N PRO A 776 24.10 -22.51 -14.88
CA PRO A 776 24.51 -23.64 -15.72
C PRO A 776 25.59 -23.23 -16.71
N GLU A 777 26.82 -23.68 -16.48
CA GLU A 777 27.92 -23.38 -17.37
C GLU A 777 28.03 -24.48 -18.42
N ARG A 778 29.04 -24.38 -19.30
CA ARG A 778 29.19 -25.31 -20.40
C ARG A 778 29.47 -26.71 -19.88
N GLY A 779 28.62 -27.67 -20.27
CA GLY A 779 28.79 -29.05 -19.87
C GLY A 779 28.14 -29.43 -18.56
N GLN A 780 27.59 -28.48 -17.82
CA GLN A 780 26.94 -28.76 -16.55
C GLN A 780 25.58 -28.10 -16.50
N PRO A 781 24.61 -28.70 -15.82
CA PRO A 781 23.31 -28.07 -15.65
C PRO A 781 23.24 -27.25 -14.36
N ALA A 782 22.17 -26.45 -14.27
CA ALA A 782 21.94 -25.67 -13.07
C ALA A 782 21.71 -26.60 -11.88
N SER A 783 22.28 -26.23 -10.74
CA SER A 783 22.21 -27.06 -9.55
C SER A 783 21.78 -26.24 -8.35
N LEU A 784 21.07 -26.89 -7.44
CA LEU A 784 20.67 -26.30 -6.16
C LEU A 784 21.45 -26.96 -5.04
N GLU A 785 22.09 -26.14 -4.21
CA GLU A 785 22.69 -26.62 -2.97
C GLU A 785 22.17 -25.77 -1.83
N PHE A 786 21.88 -26.42 -0.71
CA PHE A 786 21.25 -25.78 0.44
C PHE A 786 22.27 -25.67 1.56
N LEU A 787 22.38 -24.47 2.14
CA LEU A 787 23.40 -24.17 3.13
C LEU A 787 22.74 -23.92 4.48
N PRO A 788 22.68 -24.92 5.36
CA PRO A 788 22.07 -24.71 6.67
C PRO A 788 23.00 -23.93 7.58
N MET A 789 22.44 -22.98 8.31
CA MET A 789 23.21 -22.14 9.23
C MET A 789 22.73 -22.33 10.66
N GLU A 790 23.53 -21.83 11.59
CA GLU A 790 23.32 -22.05 13.01
C GLU A 790 22.66 -20.84 13.67
N SER A 791 22.28 -21.03 14.93
CA SER A 791 21.71 -19.97 15.77
C SER A 791 20.45 -19.36 15.16
N ARG A 814 6.50 -20.86 10.55
CA ARG A 814 7.05 -22.13 10.11
C ARG A 814 8.41 -22.38 10.75
N SER A 815 8.66 -23.61 11.18
CA SER A 815 9.92 -23.95 11.82
C SER A 815 11.07 -24.15 10.84
N ARG A 816 10.79 -24.15 9.53
CA ARG A 816 11.81 -24.31 8.51
C ARG A 816 11.66 -23.18 7.50
N HIS A 817 12.57 -22.22 7.55
CA HIS A 817 12.57 -21.08 6.65
C HIS A 817 13.64 -21.26 5.58
N LEU A 818 13.45 -20.56 4.47
CA LEU A 818 14.41 -20.57 3.36
C LEU A 818 14.86 -19.14 3.09
N ALA A 819 16.17 -18.96 2.90
CA ALA A 819 16.74 -17.69 2.53
C ALA A 819 17.46 -17.85 1.20
N LEU A 820 17.25 -16.90 0.28
CA LEU A 820 17.91 -16.97 -1.02
C LEU A 820 17.96 -15.58 -1.63
N SER A 821 18.85 -15.42 -2.60
CA SER A 821 19.14 -14.14 -3.21
C SER A 821 18.30 -13.96 -4.48
N GLY A 822 18.59 -12.89 -5.21
CA GLY A 822 17.88 -12.57 -6.42
C GLY A 822 18.25 -13.46 -7.60
N PRO A 823 19.56 -13.56 -7.90
CA PRO A 823 19.97 -14.51 -8.94
C PRO A 823 19.55 -15.94 -8.66
N THR A 824 19.59 -16.36 -7.39
CA THR A 824 19.12 -17.70 -7.05
C THR A 824 17.63 -17.85 -7.35
N PHE A 825 16.83 -16.84 -7.00
CA PHE A 825 15.41 -16.90 -7.30
C PHE A 825 15.16 -16.96 -8.80
N GLY A 826 15.89 -16.14 -9.57
CA GLY A 826 15.75 -16.17 -11.01
C GLY A 826 16.16 -17.47 -11.66
N ILE A 827 17.17 -18.14 -11.12
CA ILE A 827 17.55 -19.45 -11.63
C ILE A 827 16.51 -20.50 -11.25
N ILE A 828 15.97 -20.42 -10.03
CA ILE A 828 14.97 -21.39 -9.60
C ILE A 828 13.69 -21.24 -10.41
N VAL A 829 13.31 -20.02 -10.76
CA VAL A 829 12.06 -19.82 -11.49
C VAL A 829 12.11 -20.51 -12.85
N LYS A 830 13.24 -20.42 -13.55
CA LYS A 830 13.32 -20.90 -14.93
C LYS A 830 13.89 -22.30 -15.06
N HIS A 831 14.86 -22.68 -14.22
CA HIS A 831 15.48 -24.00 -14.34
C HIS A 831 14.86 -25.05 -13.43
N PHE A 832 14.18 -24.64 -12.36
CA PHE A 832 13.52 -25.55 -11.44
C PHE A 832 12.08 -25.10 -11.21
N PRO A 833 11.23 -25.21 -12.24
CA PRO A 833 9.84 -24.73 -12.08
C PRO A 833 8.99 -25.60 -11.17
N LYS A 834 9.42 -26.83 -10.88
CA LYS A 834 8.65 -27.70 -9.99
C LYS A 834 8.98 -27.44 -8.53
N LEU A 835 10.20 -27.00 -8.23
CA LEU A 835 10.62 -26.69 -6.88
C LEU A 835 10.34 -25.27 -6.47
N LEU A 836 9.91 -24.43 -7.41
CA LEU A 836 9.57 -23.03 -7.11
C LEU A 836 8.41 -22.92 -6.14
N PRO A 837 7.32 -23.69 -6.29
CA PRO A 837 6.25 -23.59 -5.28
C PRO A 837 6.70 -23.87 -3.86
N LYS A 838 7.57 -24.87 -3.67
CA LYS A 838 8.08 -25.16 -2.33
C LYS A 838 8.95 -24.02 -1.81
N VAL A 839 9.75 -23.42 -2.68
CA VAL A 839 10.55 -22.26 -2.29
C VAL A 839 9.64 -21.12 -1.85
N LEU A 840 8.59 -20.86 -2.63
CA LEU A 840 7.68 -19.77 -2.32
C LEU A 840 6.94 -20.02 -1.01
N VAL A 841 6.56 -21.27 -0.75
CA VAL A 841 5.86 -21.59 0.48
C VAL A 841 6.77 -21.47 1.69
N GLN A 842 8.01 -21.95 1.59
CA GLN A 842 8.90 -21.95 2.73
C GLN A 842 9.78 -20.71 2.83
N GLY A 843 10.05 -20.04 1.71
CA GLY A 843 10.99 -18.93 1.73
C GLY A 843 10.46 -17.74 2.52
N THR A 844 11.35 -17.15 3.32
CA THR A 844 11.01 -15.97 4.11
C THR A 844 11.94 -14.79 3.90
N VAL A 845 13.15 -14.99 3.36
CA VAL A 845 14.09 -13.92 3.11
C VAL A 845 14.48 -13.95 1.64
N PHE A 846 14.22 -12.85 0.95
CA PHE A 846 14.55 -12.71 -0.47
C PHE A 846 15.42 -11.46 -0.62
N ALA A 847 16.73 -11.66 -0.71
CA ALA A 847 17.68 -10.57 -0.74
C ALA A 847 18.24 -10.40 -2.14
N ARG A 848 18.93 -9.27 -2.36
CA ARG A 848 19.50 -8.93 -3.66
C ARG A 848 18.46 -9.06 -4.77
N MET A 849 17.23 -8.65 -4.45
CA MET A 849 16.06 -8.96 -5.25
C MET A 849 15.68 -7.73 -6.07
N ALA A 850 15.75 -7.87 -7.40
CA ALA A 850 15.51 -6.74 -8.30
C ALA A 850 14.04 -6.32 -8.25
N PRO A 851 13.75 -5.07 -8.61
CA PRO A 851 12.33 -4.63 -8.61
C PRO A 851 11.44 -5.48 -9.49
N GLU A 852 11.91 -5.82 -10.69
CA GLU A 852 11.18 -6.76 -11.54
C GLU A 852 11.09 -8.11 -10.87
N GLN A 853 12.16 -8.53 -10.18
CA GLN A 853 12.10 -9.76 -9.42
C GLN A 853 11.18 -9.65 -8.22
N LYS A 854 11.07 -8.46 -7.62
CA LYS A 854 10.13 -8.27 -6.52
C LYS A 854 8.69 -8.45 -6.99
N THR A 855 8.32 -7.79 -8.10
CA THR A 855 6.96 -7.94 -8.58
C THR A 855 6.70 -9.34 -9.12
N GLU A 856 7.71 -9.98 -9.71
CA GLU A 856 7.58 -11.37 -10.13
C GLU A 856 7.33 -12.28 -8.94
N LEU A 857 8.04 -12.04 -7.84
CA LEU A 857 7.83 -12.81 -6.61
C LEU A 857 6.41 -12.61 -6.08
N VAL A 858 5.92 -11.38 -6.09
CA VAL A 858 4.55 -11.13 -5.63
C VAL A 858 3.55 -11.87 -6.51
N CYS A 859 3.74 -11.81 -7.83
CA CYS A 859 2.84 -12.50 -8.75
C CYS A 859 2.89 -14.01 -8.56
N GLU A 860 4.09 -14.56 -8.36
CA GLU A 860 4.23 -16.01 -8.16
C GLU A 860 3.59 -16.45 -6.85
N LEU A 861 3.70 -15.64 -5.79
CA LEU A 861 3.01 -15.93 -4.56
C LEU A 861 1.50 -15.89 -4.75
N GLN A 862 1.01 -14.92 -5.52
CA GLN A 862 -0.42 -14.84 -5.80
C GLN A 862 -0.90 -16.02 -6.63
N LYS A 863 -0.04 -16.58 -7.48
CA LYS A 863 -0.40 -17.77 -8.25
C LYS A 863 -0.65 -18.98 -7.36
N LEU A 864 -0.10 -18.97 -6.14
CA LEU A 864 -0.40 -19.99 -5.14
C LEU A 864 -1.66 -19.70 -4.36
N GLN A 865 -2.53 -18.84 -4.90
CA GLN A 865 -3.78 -18.45 -4.26
C GLN A 865 -3.55 -17.79 -2.90
N TYR A 866 -2.43 -17.07 -2.78
CA TYR A 866 -2.20 -16.19 -1.65
C TYR A 866 -2.92 -14.86 -1.86
N CYS A 867 -3.22 -14.19 -0.75
CA CYS A 867 -3.66 -12.80 -0.77
C CYS A 867 -2.48 -12.00 -0.23
N VAL A 868 -1.62 -11.55 -1.14
CA VAL A 868 -0.33 -10.99 -0.79
C VAL A 868 -0.46 -9.50 -0.54
N GLY A 869 -0.02 -9.06 0.64
CA GLY A 869 0.19 -7.65 0.90
C GLY A 869 1.66 -7.31 0.73
N MET A 870 1.94 -6.02 0.57
CA MET A 870 3.31 -5.56 0.39
C MET A 870 3.47 -4.19 1.02
N CYS A 871 4.55 -4.00 1.77
CA CYS A 871 4.90 -2.72 2.36
C CYS A 871 6.28 -2.32 1.85
N GLY A 872 6.37 -1.10 1.30
CA GLY A 872 7.63 -0.63 0.75
C GLY A 872 7.71 0.87 0.81
N ASP A 873 8.92 1.38 0.59
CA ASP A 873 9.16 2.81 0.70
C ASP A 873 10.00 3.36 -0.45
N GLY A 874 10.56 2.51 -1.31
CA GLY A 874 11.43 2.96 -2.37
C GLY A 874 10.82 2.76 -3.75
N ALA A 875 11.53 3.29 -4.75
CA ALA A 875 11.09 3.12 -6.12
C ALA A 875 11.23 1.69 -6.60
N ASN A 876 12.09 0.89 -5.96
CA ASN A 876 12.20 -0.51 -6.31
C ASN A 876 10.98 -1.33 -5.89
N ASP A 877 10.12 -0.77 -5.03
CA ASP A 877 8.94 -1.46 -4.53
C ASP A 877 7.66 -1.07 -5.25
N CYS A 878 7.73 -0.20 -6.27
CA CYS A 878 6.51 0.25 -6.94
C CYS A 878 5.81 -0.90 -7.64
N GLY A 879 6.56 -1.72 -8.37
CA GLY A 879 5.94 -2.84 -9.05
C GLY A 879 5.34 -3.85 -8.10
N ALA A 880 6.02 -4.12 -6.99
CA ALA A 880 5.47 -5.03 -6.00
C ALA A 880 4.22 -4.46 -5.34
N LEU A 881 4.22 -3.16 -5.05
CA LEU A 881 3.04 -2.55 -4.43
C LEU A 881 1.86 -2.53 -5.38
N LYS A 882 2.10 -2.32 -6.68
CA LYS A 882 1.00 -2.36 -7.63
C LYS A 882 0.50 -3.78 -7.87
N ALA A 883 1.41 -4.75 -7.93
CA ALA A 883 1.02 -6.12 -8.19
C ALA A 883 0.38 -6.79 -6.98
N ALA A 884 0.62 -6.28 -5.78
CA ALA A 884 0.08 -6.89 -4.58
C ALA A 884 -1.41 -6.56 -4.44
N ASP A 885 -2.08 -7.36 -3.61
CA ASP A 885 -3.49 -7.15 -3.33
C ASP A 885 -3.73 -5.97 -2.40
N VAL A 886 -2.86 -5.79 -1.41
CA VAL A 886 -2.91 -4.66 -0.48
C VAL A 886 -1.50 -4.10 -0.39
N GLY A 887 -1.23 -3.03 -1.13
CA GLY A 887 0.10 -2.44 -1.12
C GLY A 887 0.18 -1.15 -0.33
N ILE A 888 0.83 -1.18 0.83
CA ILE A 888 1.00 -0.01 1.67
C ILE A 888 2.36 0.60 1.36
N SER A 889 2.36 1.90 1.06
CA SER A 889 3.58 2.60 0.66
C SER A 889 4.00 3.56 1.76
N LEU A 890 5.23 3.43 2.22
CA LEU A 890 5.81 4.35 3.19
C LEU A 890 6.61 5.46 2.54
N SER A 891 6.56 5.57 1.21
CA SER A 891 7.38 6.51 0.48
C SER A 891 6.86 7.94 0.62
N GLN A 892 7.77 8.89 0.42
CA GLN A 892 7.45 10.31 0.43
C GLN A 892 7.61 10.93 -0.96
N ALA A 893 7.59 10.11 -2.00
CA ALA A 893 7.80 10.55 -3.37
C ALA A 893 6.59 10.19 -4.23
N GLU A 894 6.74 10.37 -5.55
CA GLU A 894 5.65 10.10 -6.49
C GLU A 894 5.27 8.63 -6.54
N ALA A 895 6.08 7.73 -5.98
CA ALA A 895 5.69 6.33 -5.88
C ALA A 895 4.47 6.15 -4.98
N SER A 896 4.23 7.07 -4.06
CA SER A 896 3.13 6.92 -3.11
C SER A 896 1.80 7.39 -3.68
N VAL A 897 1.81 8.36 -4.59
CA VAL A 897 0.57 8.98 -5.06
C VAL A 897 -0.26 8.04 -5.92
N VAL A 898 0.27 6.89 -6.33
CA VAL A 898 -0.47 5.93 -7.14
C VAL A 898 -0.52 4.58 -6.42
N SER A 899 -0.25 4.59 -5.13
CA SER A 899 -0.33 3.33 -4.40
C SER A 899 -1.68 3.20 -3.72
N PRO A 900 -2.20 1.98 -3.59
CA PRO A 900 -3.52 1.79 -2.95
C PRO A 900 -3.56 2.38 -1.54
N PHE A 901 -2.55 2.08 -0.74
CA PHE A 901 -2.42 2.60 0.62
C PHE A 901 -1.10 3.37 0.74
N THR A 902 -1.13 4.43 1.55
CA THR A 902 0.07 5.26 1.74
C THR A 902 0.07 5.74 3.18
N SER A 903 0.92 5.15 4.01
CA SER A 903 1.04 5.57 5.39
C SER A 903 1.80 6.88 5.50
N SER A 904 1.35 7.73 6.44
CA SER A 904 2.02 9.00 6.68
C SER A 904 3.25 8.87 7.58
N MET A 905 3.39 7.76 8.29
CA MET A 905 4.57 7.50 9.09
C MET A 905 5.42 6.42 8.41
N ALA A 906 6.73 6.49 8.66
CA ALA A 906 7.70 5.65 7.98
C ALA A 906 7.95 4.32 8.67
N SER A 907 6.98 3.83 9.44
CA SER A 907 7.08 2.55 10.12
C SER A 907 6.05 1.59 9.55
N ILE A 908 6.14 0.33 9.98
CA ILE A 908 5.22 -0.70 9.54
C ILE A 908 4.07 -0.88 10.52
N GLU A 909 3.85 0.08 11.42
CA GLU A 909 2.68 0.03 12.28
C GLU A 909 1.38 0.12 11.50
N CYS A 910 1.44 0.64 10.26
CA CYS A 910 0.26 0.73 9.42
C CYS A 910 -0.24 -0.63 8.98
N VAL A 911 0.63 -1.62 8.87
CA VAL A 911 0.25 -2.94 8.38
C VAL A 911 -0.78 -3.58 9.31
N PRO A 912 -0.56 -3.66 10.63
CA PRO A 912 -1.64 -4.16 11.50
C PRO A 912 -2.87 -3.27 11.47
N MET A 913 -2.70 -1.96 11.34
CA MET A 913 -3.86 -1.06 11.24
C MET A 913 -4.66 -1.37 9.98
N VAL A 914 -3.98 -1.55 8.86
CA VAL A 914 -4.65 -1.84 7.60
C VAL A 914 -5.34 -3.20 7.66
N ILE A 915 -4.69 -4.19 8.27
CA ILE A 915 -5.29 -5.52 8.38
C ILE A 915 -6.53 -5.48 9.28
N ARG A 916 -6.44 -4.77 10.41
CA ARG A 916 -7.60 -4.65 11.29
C ARG A 916 -8.75 -3.93 10.61
N GLU A 917 -8.45 -2.84 9.90
CA GLU A 917 -9.50 -2.12 9.17
C GLU A 917 -10.09 -2.98 8.07
N GLY A 918 -9.27 -3.79 7.39
CA GLY A 918 -9.79 -4.67 6.37
C GLY A 918 -10.70 -5.75 6.93
N ARG A 919 -10.31 -6.34 8.05
CA ARG A 919 -11.18 -7.33 8.69
C ARG A 919 -12.49 -6.69 9.15
N CYS A 920 -12.42 -5.49 9.73
CA CYS A 920 -13.62 -4.78 10.12
C CYS A 920 -14.50 -4.47 8.92
N SER A 921 -13.90 -4.04 7.81
CA SER A 921 -14.68 -3.70 6.63
C SER A 921 -15.31 -4.93 6.01
N LEU A 922 -14.60 -6.06 5.98
CA LEU A 922 -15.19 -7.29 5.47
C LEU A 922 -16.35 -7.75 6.34
N ASP A 923 -16.17 -7.71 7.66
CA ASP A 923 -17.27 -8.07 8.55
C ASP A 923 -18.46 -7.13 8.39
N THR A 924 -18.19 -5.83 8.26
CA THR A 924 -19.26 -4.86 8.09
C THR A 924 -19.99 -5.05 6.76
N SER A 925 -19.25 -5.34 5.69
CA SER A 925 -19.88 -5.58 4.41
C SER A 925 -20.76 -6.84 4.45
N PHE A 926 -20.27 -7.90 5.09
CA PHE A 926 -21.09 -9.10 5.23
C PHE A 926 -22.33 -8.83 6.08
N SER A 927 -22.18 -8.04 7.14
CA SER A 927 -23.33 -7.68 7.98
C SER A 927 -24.34 -6.86 7.20
N VAL A 928 -23.86 -5.92 6.38
CA VAL A 928 -24.77 -5.09 5.58
C VAL A 928 -25.51 -5.95 4.55
N PHE A 929 -24.80 -6.87 3.89
CA PHE A 929 -25.47 -7.75 2.94
C PHE A 929 -26.49 -8.65 3.62
N LYS A 930 -26.15 -9.19 4.79
CA LYS A 930 -27.08 -10.03 5.52
C LYS A 930 -28.29 -9.24 5.98
N TYR A 931 -28.09 -8.00 6.43
CA TYR A 931 -29.22 -7.17 6.84
C TYR A 931 -30.11 -6.82 5.65
N MET A 932 -29.51 -6.54 4.50
CA MET A 932 -30.32 -6.25 3.32
C MET A 932 -31.12 -7.46 2.90
N ALA A 933 -30.52 -8.65 2.95
CA ALA A 933 -31.25 -9.87 2.65
C ALA A 933 -32.40 -10.08 3.62
N LEU A 934 -32.13 -9.92 4.92
CA LEU A 934 -33.16 -10.13 5.94
C LEU A 934 -34.29 -9.12 5.78
N TYR A 935 -33.95 -7.86 5.56
CA TYR A 935 -34.96 -6.85 5.21
C TYR A 935 -35.80 -7.16 4.03
N SER A 936 -35.18 -7.52 2.90
CA SER A 936 -35.93 -7.81 1.69
C SER A 936 -36.85 -8.99 1.89
N LEU A 937 -36.36 -10.06 2.52
CA LEU A 937 -37.20 -11.24 2.71
C LEU A 937 -38.29 -10.99 3.73
N THR A 938 -38.02 -10.17 4.76
CA THR A 938 -39.05 -9.82 5.73
C THR A 938 -40.16 -9.01 5.08
N GLN A 939 -39.79 -7.97 4.33
CA GLN A 939 -40.80 -7.18 3.64
C GLN A 939 -41.56 -8.01 2.62
N PHE A 940 -40.86 -8.91 1.92
CA PHE A 940 -41.50 -9.74 0.92
C PHE A 940 -42.49 -10.70 1.57
N ILE A 941 -42.13 -11.30 2.70
CA ILE A 941 -43.04 -12.20 3.41
C ILE A 941 -44.24 -11.43 3.94
N SER A 942 -44.02 -10.23 4.48
CA SER A 942 -45.13 -9.41 4.94
C SER A 942 -46.09 -9.08 3.80
N VAL A 943 -45.53 -8.68 2.66
CA VAL A 943 -46.35 -8.33 1.50
C VAL A 943 -47.09 -9.56 0.97
N LEU A 944 -46.47 -10.73 1.03
CA LEU A 944 -47.14 -11.95 0.59
C LEU A 944 -48.29 -12.33 1.53
N ILE A 945 -48.07 -12.19 2.84
CA ILE A 945 -49.13 -12.47 3.80
C ILE A 945 -50.30 -11.51 3.57
N LEU A 946 -50.00 -10.25 3.24
CA LEU A 946 -51.08 -9.30 2.97
C LEU A 946 -51.75 -9.57 1.63
N TYR A 947 -50.98 -9.99 0.62
CA TYR A 947 -51.56 -10.33 -0.69
C TYR A 947 -52.52 -11.50 -0.57
N THR A 948 -52.18 -12.48 0.26
CA THR A 948 -53.07 -13.62 0.47
C THR A 948 -54.42 -13.17 1.02
N ILE A 949 -54.46 -12.00 1.66
CA ILE A 949 -55.68 -11.45 2.24
C ILE A 949 -56.32 -10.42 1.31
N ASN A 950 -55.73 -10.20 0.14
CA ASN A 950 -56.14 -9.12 -0.77
C ASN A 950 -55.89 -7.75 -0.13
N THR A 951 -54.70 -7.58 0.44
CA THR A 951 -54.26 -6.33 1.04
C THR A 951 -52.83 -6.06 0.58
N ASN A 952 -52.43 -4.79 0.66
CA ASN A 952 -51.04 -4.42 0.42
C ASN A 952 -50.55 -3.64 1.63
N LEU A 953 -49.23 -3.47 1.70
CA LEU A 953 -48.63 -2.86 2.88
C LEU A 953 -49.03 -1.39 3.00
N GLY A 954 -48.94 -0.64 1.90
CA GLY A 954 -49.31 0.77 1.91
C GLY A 954 -48.16 1.63 1.43
N ASP A 955 -48.51 2.68 0.67
CA ASP A 955 -47.47 3.51 0.06
C ASP A 955 -46.63 4.21 1.12
N LEU A 956 -47.28 4.91 2.06
CA LEU A 956 -46.52 5.64 3.07
C LEU A 956 -45.89 4.69 4.08
N GLN A 957 -46.51 3.55 4.34
CA GLN A 957 -45.86 2.52 5.17
C GLN A 957 -44.62 1.97 4.48
N PHE A 958 -44.70 1.74 3.16
CA PHE A 958 -43.51 1.35 2.40
C PHE A 958 -42.42 2.41 2.52
N LEU A 959 -42.80 3.68 2.36
CA LEU A 959 -41.81 4.76 2.45
C LEU A 959 -41.18 4.81 3.83
N ALA A 960 -41.98 4.68 4.89
CA ALA A 960 -41.43 4.68 6.23
C ALA A 960 -40.46 3.52 6.41
N ILE A 961 -40.91 2.30 6.12
CA ILE A 961 -40.09 1.11 6.31
C ILE A 961 -38.78 1.22 5.57
N ASP A 962 -38.82 1.66 4.31
CA ASP A 962 -37.56 1.74 3.57
C ASP A 962 -36.73 2.92 4.05
N LEU A 963 -37.20 4.15 3.80
CA LEU A 963 -36.36 5.32 3.99
C LEU A 963 -36.02 5.53 5.47
N VAL A 964 -37.04 5.60 6.33
CA VAL A 964 -36.77 6.02 7.70
C VAL A 964 -36.01 4.95 8.46
N ILE A 965 -36.35 3.68 8.22
CA ILE A 965 -35.77 2.60 9.02
C ILE A 965 -34.52 2.02 8.36
N THR A 966 -34.67 1.43 7.16
CA THR A 966 -33.60 0.61 6.64
C THR A 966 -32.45 1.45 6.11
N THR A 967 -32.75 2.58 5.45
CA THR A 967 -31.68 3.46 4.99
C THR A 967 -30.88 4.01 6.15
N THR A 968 -31.58 4.46 7.20
CA THR A 968 -30.89 4.97 8.39
C THR A 968 -30.03 3.89 9.03
N VAL A 969 -30.57 2.68 9.15
CA VAL A 969 -29.83 1.60 9.80
C VAL A 969 -28.61 1.22 8.97
N ALA A 970 -28.78 1.07 7.66
CA ALA A 970 -27.67 0.67 6.80
C ALA A 970 -26.59 1.74 6.75
N VAL A 971 -26.97 3.01 6.83
CA VAL A 971 -25.98 4.08 6.87
C VAL A 971 -25.23 4.08 8.20
N LEU A 972 -25.95 3.94 9.31
CA LEU A 972 -25.32 4.12 10.61
C LEU A 972 -24.68 2.85 11.18
N MET A 973 -24.94 1.68 10.59
CA MET A 973 -24.33 0.46 11.10
C MET A 973 -22.95 0.21 10.54
N SER A 974 -22.56 0.93 9.49
CA SER A 974 -21.23 0.83 8.91
C SER A 974 -20.22 1.72 9.60
N ARG A 975 -20.58 2.29 10.75
CA ARG A 975 -19.75 3.26 11.45
C ARG A 975 -18.92 2.65 12.57
N THR A 976 -19.15 1.39 12.92
CA THR A 976 -18.42 0.77 14.02
C THR A 976 -16.99 0.47 13.59
N GLY A 977 -16.04 0.87 14.43
CA GLY A 977 -14.63 0.75 14.09
C GLY A 977 -14.09 -0.65 14.30
N PRO A 978 -12.85 -0.88 13.89
CA PRO A 978 -12.24 -2.20 14.06
C PRO A 978 -11.90 -2.49 15.51
N ALA A 979 -11.68 -3.77 15.79
CA ALA A 979 -11.28 -4.18 17.12
C ALA A 979 -9.87 -3.70 17.43
N LEU A 980 -9.54 -3.65 18.72
CA LEU A 980 -8.26 -3.11 19.14
C LEU A 980 -7.08 -4.02 18.82
N VAL A 981 -7.30 -5.32 18.70
CA VAL A 981 -6.22 -6.27 18.50
C VAL A 981 -6.57 -7.21 17.36
N LEU A 982 -5.53 -7.75 16.73
CA LEU A 982 -5.69 -8.76 15.70
C LEU A 982 -5.95 -10.12 16.32
N GLY A 983 -6.46 -11.04 15.50
CA GLY A 983 -6.80 -12.37 15.97
C GLY A 983 -6.29 -13.44 15.02
N ARG A 984 -6.27 -14.67 15.52
CA ARG A 984 -5.78 -15.79 14.74
C ARG A 984 -6.72 -16.11 13.58
N VAL A 985 -8.02 -16.00 13.79
CA VAL A 985 -9.01 -16.42 12.80
C VAL A 985 -9.40 -15.24 11.93
N ARG A 986 -9.43 -15.46 10.61
CA ARG A 986 -9.83 -14.46 9.64
C ARG A 986 -11.33 -14.48 9.44
N PRO A 987 -11.91 -13.37 8.99
CA PRO A 987 -13.33 -13.37 8.64
C PRO A 987 -13.59 -14.25 7.43
N PRO A 988 -14.79 -14.81 7.30
CA PRO A 988 -15.09 -15.61 6.11
C PRO A 988 -15.01 -14.77 4.85
N GLY A 989 -14.53 -15.39 3.78
CA GLY A 989 -14.34 -14.72 2.51
C GLY A 989 -15.46 -14.87 1.51
N ALA A 990 -16.49 -15.65 1.83
CA ALA A 990 -17.60 -15.89 0.92
C ALA A 990 -18.92 -15.69 1.64
N LEU A 991 -19.89 -15.10 0.94
CA LEU A 991 -21.21 -14.91 1.52
C LEU A 991 -22.04 -16.19 1.52
N LEU A 992 -21.89 -17.05 0.50
CA LEU A 992 -22.52 -18.37 0.55
C LEU A 992 -21.72 -19.26 1.47
N SER A 993 -22.00 -19.13 2.77
CA SER A 993 -21.46 -20.03 3.78
C SER A 993 -22.63 -20.74 4.45
N VAL A 994 -22.39 -21.99 4.86
CA VAL A 994 -23.39 -22.69 5.67
C VAL A 994 -23.76 -21.88 6.90
N PRO A 995 -22.83 -21.24 7.62
CA PRO A 995 -23.26 -20.33 8.70
C PRO A 995 -24.18 -19.21 8.22
N VAL A 996 -23.82 -18.53 7.13
CA VAL A 996 -24.61 -17.37 6.69
C VAL A 996 -26.01 -17.81 6.27
N LEU A 997 -26.10 -18.82 5.40
CA LEU A 997 -27.40 -19.27 4.95
C LEU A 997 -28.23 -19.86 6.08
N SER A 998 -27.60 -20.64 6.97
CA SER A 998 -28.35 -21.20 8.09
C SER A 998 -28.88 -20.11 8.99
N SER A 999 -28.07 -19.08 9.28
CA SER A 999 -28.55 -17.98 10.09
C SER A 999 -29.69 -17.25 9.41
N LEU A 1000 -29.58 -17.00 8.10
CA LEU A 1000 -30.65 -16.32 7.40
C LEU A 1000 -31.95 -17.13 7.43
N LEU A 1001 -31.86 -18.45 7.22
CA LEU A 1001 -33.07 -19.27 7.23
C LEU A 1001 -33.69 -19.33 8.61
N LEU A 1002 -32.89 -19.44 9.67
CA LEU A 1002 -33.45 -19.47 11.02
C LEU A 1002 -34.07 -18.12 11.39
N GLN A 1003 -33.41 -17.02 11.05
CA GLN A 1003 -34.01 -15.71 11.34
C GLN A 1003 -35.31 -15.53 10.55
N MET A 1004 -35.36 -16.03 9.31
CA MET A 1004 -36.59 -15.94 8.54
C MET A 1004 -37.68 -16.82 9.11
N VAL A 1005 -37.33 -18.00 9.63
CA VAL A 1005 -38.33 -18.83 10.28
C VAL A 1005 -38.90 -18.09 11.49
N LEU A 1006 -38.04 -17.47 12.29
CA LEU A 1006 -38.52 -16.75 13.47
C LEU A 1006 -39.38 -15.54 13.07
N VAL A 1007 -38.95 -14.79 12.05
CA VAL A 1007 -39.69 -13.61 11.60
C VAL A 1007 -41.06 -14.02 11.06
N THR A 1008 -41.08 -15.03 10.19
CA THR A 1008 -42.34 -15.50 9.62
C THR A 1008 -43.25 -16.05 10.70
N GLY A 1009 -42.69 -16.77 11.68
CA GLY A 1009 -43.49 -17.25 12.78
C GLY A 1009 -44.11 -16.14 13.58
N VAL A 1010 -43.34 -15.08 13.85
CA VAL A 1010 -43.87 -13.95 14.62
C VAL A 1010 -44.99 -13.25 13.84
N GLN A 1011 -44.76 -13.00 12.55
CA GLN A 1011 -45.78 -12.29 11.77
C GLN A 1011 -47.04 -13.13 11.61
N LEU A 1012 -46.91 -14.42 11.32
CA LEU A 1012 -48.07 -15.28 11.18
C LEU A 1012 -48.78 -15.50 12.51
N GLY A 1013 -48.03 -15.55 13.61
CA GLY A 1013 -48.67 -15.64 14.92
C GLY A 1013 -49.46 -14.38 15.25
N GLY A 1014 -48.90 -13.21 14.95
CA GLY A 1014 -49.64 -11.99 15.12
C GLY A 1014 -50.91 -11.96 14.27
N TYR A 1015 -50.81 -12.42 13.03
CA TYR A 1015 -51.98 -12.45 12.15
C TYR A 1015 -53.05 -13.40 12.68
N PHE A 1016 -52.67 -14.64 12.98
CA PHE A 1016 -53.63 -15.65 13.44
C PHE A 1016 -54.09 -15.39 14.86
N LEU A 1017 -53.43 -14.51 15.60
CA LEU A 1017 -53.85 -14.08 16.92
C LEU A 1017 -54.80 -12.89 16.85
N THR A 1018 -54.59 -12.00 15.88
CA THR A 1018 -55.58 -10.97 15.58
C THR A 1018 -56.87 -11.59 15.09
N LEU A 1019 -56.77 -12.67 14.32
CA LEU A 1019 -57.95 -13.36 13.81
C LEU A 1019 -58.71 -14.12 14.89
N ALA A 1020 -58.38 -13.99 16.17
CA ALA A 1020 -59.07 -14.68 17.25
C ALA A 1020 -59.37 -13.70 18.38
N GLN A 1021 -59.93 -12.54 18.02
CA GLN A 1021 -60.23 -11.48 18.97
C GLN A 1021 -61.70 -11.09 18.85
N PRO A 1022 -62.30 -10.59 19.94
CA PRO A 1022 -63.71 -10.18 19.87
C PRO A 1022 -63.89 -8.85 19.13
N TRP A 1023 -62.93 -7.95 19.27
CA TRP A 1023 -63.00 -6.65 18.60
C TRP A 1023 -62.59 -6.70 17.14
N PHE A 1024 -62.08 -7.83 16.67
CA PHE A 1024 -61.59 -7.94 15.30
C PHE A 1024 -62.77 -8.04 14.34
N VAL A 1025 -62.77 -7.20 13.31
CA VAL A 1025 -63.73 -7.27 12.21
C VAL A 1025 -62.95 -7.44 10.91
N PRO A 1026 -63.31 -8.40 10.08
CA PRO A 1026 -62.52 -8.63 8.85
C PRO A 1026 -62.62 -7.47 7.89
N LEU A 1027 -61.59 -7.35 7.05
CA LEU A 1027 -61.56 -6.28 6.06
C LEU A 1027 -62.59 -6.54 4.96
N ASN A 1028 -62.76 -5.55 4.10
CA ASN A 1028 -63.66 -5.66 2.96
C ASN A 1028 -62.91 -6.34 1.82
N ARG A 1029 -63.11 -7.64 1.68
CA ARG A 1029 -62.39 -8.43 0.68
C ARG A 1029 -62.73 -8.04 -0.75
N THR A 1030 -63.84 -7.33 -0.98
CA THR A 1030 -64.27 -7.03 -2.34
C THR A 1030 -63.37 -5.99 -3.01
N VAL A 1031 -63.02 -4.94 -2.30
CA VAL A 1031 -62.18 -3.88 -2.85
C VAL A 1031 -60.72 -4.19 -2.56
N ALA A 1032 -59.85 -3.77 -3.47
CA ALA A 1032 -58.42 -4.03 -3.36
C ALA A 1032 -57.69 -2.81 -2.83
N ALA A 1033 -56.45 -3.04 -2.40
CA ALA A 1033 -55.63 -1.97 -1.83
C ALA A 1033 -55.32 -0.93 -2.90
N PRO A 1034 -55.08 0.34 -2.49
CA PRO A 1034 -55.04 0.83 -1.11
C PRO A 1034 -56.36 1.42 -0.64
N ASP A 1035 -57.48 0.86 -1.10
CA ASP A 1035 -58.79 1.36 -0.72
C ASP A 1035 -59.41 0.62 0.45
N ASN A 1036 -58.98 -0.61 0.72
CA ASN A 1036 -59.47 -1.34 1.89
C ASN A 1036 -58.71 -0.98 3.16
N LEU A 1037 -57.65 -0.19 3.06
CA LEU A 1037 -56.96 0.36 4.22
C LEU A 1037 -57.70 1.59 4.73
N PRO A 1038 -57.60 1.89 6.05
CA PRO A 1038 -56.92 1.12 7.09
C PRO A 1038 -57.74 -0.06 7.61
N ASN A 1039 -57.07 -1.18 7.85
CA ASN A 1039 -57.68 -2.36 8.42
C ASN A 1039 -56.77 -2.95 9.48
N TYR A 1040 -57.27 -3.95 10.20
CA TYR A 1040 -56.53 -4.52 11.32
C TYR A 1040 -55.37 -5.40 10.87
N GLU A 1041 -55.54 -6.16 9.79
CA GLU A 1041 -54.49 -7.06 9.34
C GLU A 1041 -53.23 -6.28 8.96
N ASN A 1042 -53.39 -5.24 8.13
CA ASN A 1042 -52.25 -4.42 7.74
C ASN A 1042 -51.62 -3.74 8.95
N THR A 1043 -52.45 -3.26 9.87
CA THR A 1043 -51.93 -2.60 11.07
C THR A 1043 -51.05 -3.55 11.88
N VAL A 1044 -51.54 -4.76 12.14
CA VAL A 1044 -50.78 -5.72 12.94
C VAL A 1044 -49.51 -6.15 12.23
N VAL A 1045 -49.62 -6.45 10.93
CA VAL A 1045 -48.45 -6.92 10.18
C VAL A 1045 -47.39 -5.84 10.11
N PHE A 1046 -47.78 -4.59 9.84
CA PHE A 1046 -46.83 -3.49 9.81
C PHE A 1046 -46.23 -3.25 11.20
N SER A 1047 -47.05 -3.35 12.25
CA SER A 1047 -46.55 -3.14 13.60
C SER A 1047 -45.46 -4.15 13.95
N LEU A 1048 -45.66 -5.41 13.60
CA LEU A 1048 -44.65 -6.42 13.90
C LEU A 1048 -43.43 -6.28 13.00
N SER A 1049 -43.65 -6.07 11.70
CA SER A 1049 -42.54 -6.01 10.76
C SER A 1049 -41.63 -4.81 11.03
N SER A 1050 -42.21 -3.68 11.43
CA SER A 1050 -41.40 -2.50 11.69
C SER A 1050 -40.42 -2.73 12.83
N PHE A 1051 -40.84 -3.44 13.88
CA PHE A 1051 -39.91 -3.82 14.93
C PHE A 1051 -38.91 -4.87 14.44
N GLN A 1052 -39.36 -5.77 13.57
CA GLN A 1052 -38.45 -6.78 13.04
C GLN A 1052 -37.30 -6.16 12.26
N TYR A 1053 -37.56 -5.06 11.55
CA TYR A 1053 -36.50 -4.43 10.77
C TYR A 1053 -35.40 -3.86 11.64
N LEU A 1054 -35.69 -3.54 12.90
CA LEU A 1054 -34.67 -3.09 13.83
C LEU A 1054 -34.03 -4.24 14.60
N ILE A 1055 -34.81 -5.28 14.90
CA ILE A 1055 -34.27 -6.45 15.57
C ILE A 1055 -33.24 -7.13 14.67
N LEU A 1056 -33.58 -7.32 13.40
CA LEU A 1056 -32.67 -7.95 12.45
C LEU A 1056 -31.49 -7.06 12.10
N ALA A 1057 -31.53 -5.78 12.47
CA ALA A 1057 -30.41 -4.87 12.31
C ALA A 1057 -29.46 -4.91 13.50
N ALA A 1058 -30.01 -4.93 14.71
CA ALA A 1058 -29.18 -5.09 15.90
C ALA A 1058 -28.60 -6.50 16.00
N ALA A 1059 -29.23 -7.48 15.35
CA ALA A 1059 -28.74 -8.86 15.44
C ALA A 1059 -27.51 -9.07 14.57
N VAL A 1060 -27.56 -8.65 13.30
CA VAL A 1060 -26.44 -8.88 12.39
C VAL A 1060 -25.24 -7.99 12.68
N SER A 1061 -25.41 -6.97 13.52
CA SER A 1061 -24.32 -6.08 13.88
C SER A 1061 -23.52 -6.74 15.00
N LYS A 1062 -22.55 -7.55 14.63
CA LYS A 1062 -21.72 -8.28 15.57
C LYS A 1062 -20.43 -7.52 15.84
N GLY A 1063 -19.90 -7.68 17.04
CA GLY A 1063 -18.70 -6.98 17.46
C GLY A 1063 -17.45 -7.81 17.27
N ALA A 1064 -16.93 -8.36 18.36
CA ALA A 1064 -15.72 -9.17 18.35
C ALA A 1064 -15.94 -10.40 17.47
N PRO A 1065 -14.88 -10.96 16.86
CA PRO A 1065 -13.47 -10.56 16.97
C PRO A 1065 -13.06 -9.37 16.10
N PHE A 1066 -13.82 -9.08 15.04
CA PHE A 1066 -13.36 -8.19 13.98
C PHE A 1066 -13.84 -6.76 14.13
N ARG A 1067 -14.79 -6.48 15.03
CA ARG A 1067 -15.35 -5.15 15.16
C ARG A 1067 -15.46 -4.75 16.62
N ARG A 1068 -15.66 -3.46 16.84
CA ARG A 1068 -15.93 -2.97 18.18
C ARG A 1068 -17.33 -3.41 18.62
N PRO A 1069 -17.57 -3.49 19.92
CA PRO A 1069 -18.91 -3.84 20.41
C PRO A 1069 -19.95 -2.83 19.92
N LEU A 1070 -21.17 -3.32 19.80
CA LEU A 1070 -22.24 -2.53 19.18
C LEU A 1070 -22.49 -1.22 19.93
N TYR A 1071 -22.35 -1.25 21.26
CA TYR A 1071 -22.69 -0.08 22.06
C TYR A 1071 -21.70 1.07 21.91
N THR A 1072 -20.56 0.87 21.25
CA THR A 1072 -19.65 1.97 20.98
C THR A 1072 -20.12 2.83 19.80
N ASN A 1073 -21.10 2.37 19.04
CA ASN A 1073 -21.67 3.13 17.93
C ASN A 1073 -22.79 3.98 18.49
N VAL A 1074 -22.43 5.15 19.02
CA VAL A 1074 -23.43 6.03 19.63
C VAL A 1074 -24.49 6.48 18.63
N PRO A 1075 -24.14 6.93 17.41
CA PRO A 1075 -25.21 7.27 16.45
C PRO A 1075 -26.14 6.11 16.15
N PHE A 1076 -25.60 4.89 16.04
CA PHE A 1076 -26.44 3.74 15.71
C PHE A 1076 -27.31 3.35 16.90
N LEU A 1077 -26.77 3.41 18.11
CA LEU A 1077 -27.59 3.16 19.30
C LEU A 1077 -28.71 4.17 19.41
N VAL A 1078 -28.39 5.46 19.19
CA VAL A 1078 -29.42 6.49 19.29
C VAL A 1078 -30.48 6.31 18.21
N ALA A 1079 -30.07 5.95 17.00
CA ALA A 1079 -31.04 5.71 15.94
C ALA A 1079 -31.94 4.54 16.28
N LEU A 1080 -31.38 3.43 16.75
CA LEU A 1080 -32.19 2.29 17.13
C LEU A 1080 -33.15 2.63 18.25
N ALA A 1081 -32.68 3.34 19.27
CA ALA A 1081 -33.53 3.71 20.39
C ALA A 1081 -34.65 4.65 19.95
N LEU A 1082 -34.33 5.64 19.12
CA LEU A 1082 -35.36 6.58 18.68
C LEU A 1082 -36.39 5.91 17.79
N LEU A 1083 -35.95 5.03 16.88
CA LEU A 1083 -36.89 4.33 16.02
C LEU A 1083 -37.76 3.37 16.83
N SER A 1084 -37.17 2.68 17.81
CA SER A 1084 -37.95 1.81 18.68
C SER A 1084 -38.97 2.61 19.48
N SER A 1085 -38.58 3.78 19.97
CA SER A 1085 -39.50 4.64 20.70
C SER A 1085 -40.64 5.09 19.79
N VAL A 1086 -40.33 5.46 18.54
CA VAL A 1086 -41.36 5.88 17.60
C VAL A 1086 -42.34 4.73 17.33
N LEU A 1087 -41.81 3.52 17.14
CA LEU A 1087 -42.69 2.39 16.85
C LEU A 1087 -43.53 2.00 18.05
N VAL A 1088 -42.96 2.06 19.26
CA VAL A 1088 -43.74 1.81 20.46
C VAL A 1088 -44.80 2.89 20.64
N GLY A 1089 -44.50 4.12 20.28
CA GLY A 1089 -45.53 5.17 20.31
C GLY A 1089 -46.64 4.91 19.30
N LEU A 1090 -46.28 4.40 18.12
CA LEU A 1090 -47.31 4.03 17.15
C LEU A 1090 -48.19 2.91 17.70
N VAL A 1091 -47.58 1.93 18.37
CA VAL A 1091 -48.34 0.79 18.87
C VAL A 1091 -49.24 1.20 20.04
N LEU A 1092 -48.71 1.99 20.97
CA LEU A 1092 -49.38 2.24 22.24
C LEU A 1092 -50.20 3.53 22.25
N VAL A 1093 -49.63 4.64 21.76
CA VAL A 1093 -50.32 5.92 21.83
C VAL A 1093 -51.53 5.90 20.89
N PRO A 1094 -52.73 6.16 21.40
CA PRO A 1094 -53.92 6.11 20.55
C PRO A 1094 -54.00 7.34 19.65
N GLY A 1095 -53.95 7.10 18.34
CA GLY A 1095 -54.11 8.16 17.36
C GLY A 1095 -52.84 8.79 16.84
N LEU A 1096 -51.68 8.23 17.18
CA LEU A 1096 -50.40 8.79 16.73
C LEU A 1096 -50.07 8.23 15.35
N LEU A 1097 -50.14 9.09 14.33
CA LEU A 1097 -49.83 8.75 12.95
C LEU A 1097 -50.63 7.56 12.43
N GLN A 1098 -51.79 7.29 13.03
CA GLN A 1098 -52.66 6.24 12.49
C GLN A 1098 -53.37 6.70 11.21
N GLY A 1099 -53.47 8.00 10.99
CA GLY A 1099 -54.05 8.54 9.77
C GLY A 1099 -53.09 8.54 8.61
N PRO A 1100 -51.93 9.21 8.77
CA PRO A 1100 -50.92 9.20 7.69
C PRO A 1100 -50.49 7.81 7.28
N LEU A 1101 -50.02 7.02 8.24
CA LEU A 1101 -49.57 5.66 7.93
C LEU A 1101 -50.70 4.70 7.61
N ALA A 1102 -51.95 5.19 7.54
CA ALA A 1102 -53.10 4.35 7.20
C ALA A 1102 -53.23 3.16 8.12
N LEU A 1103 -53.02 3.39 9.41
CA LEU A 1103 -53.18 2.36 10.42
C LEU A 1103 -54.55 2.48 11.09
N ARG A 1104 -54.96 1.41 11.74
CA ARG A 1104 -56.26 1.35 12.40
C ARG A 1104 -56.06 1.43 13.91
N ASN A 1105 -56.86 2.26 14.57
CA ASN A 1105 -56.74 2.47 16.00
C ASN A 1105 -57.33 1.27 16.74
N ILE A 1106 -56.52 0.63 17.56
CA ILE A 1106 -56.93 -0.52 18.36
C ILE A 1106 -57.25 -0.05 19.77
N THR A 1107 -58.38 -0.50 20.31
CA THR A 1107 -58.81 -0.10 21.64
C THR A 1107 -58.43 -1.08 22.73
N ASP A 1108 -58.04 -2.31 22.37
CA ASP A 1108 -57.69 -3.32 23.37
C ASP A 1108 -56.23 -3.13 23.75
N THR A 1109 -56.00 -2.52 24.92
CA THR A 1109 -54.64 -2.33 25.40
C THR A 1109 -53.96 -3.65 25.70
N GLY A 1110 -54.73 -4.67 26.09
CA GLY A 1110 -54.15 -5.98 26.30
C GLY A 1110 -53.54 -6.54 25.03
N PHE A 1111 -54.22 -6.35 23.90
CA PHE A 1111 -53.67 -6.80 22.62
C PHE A 1111 -52.42 -6.01 22.24
N LYS A 1112 -52.39 -4.71 22.56
CA LYS A 1112 -51.18 -3.93 22.28
C LYS A 1112 -50.00 -4.44 23.09
N LEU A 1113 -50.22 -4.69 24.39
CA LEU A 1113 -49.15 -5.24 25.21
C LEU A 1113 -48.74 -6.63 24.76
N LEU A 1114 -49.69 -7.42 24.24
CA LEU A 1114 -49.36 -8.75 23.75
C LEU A 1114 -48.56 -8.69 22.45
N LEU A 1115 -48.86 -7.71 21.60
CA LEU A 1115 -48.03 -7.49 20.41
C LEU A 1115 -46.62 -7.05 20.80
N LEU A 1116 -46.51 -6.16 21.78
CA LEU A 1116 -45.19 -5.78 22.27
C LEU A 1116 -44.46 -6.97 22.86
N GLY A 1117 -45.17 -7.85 23.56
CA GLY A 1117 -44.56 -9.07 24.06
C GLY A 1117 -44.06 -9.97 22.94
N LEU A 1118 -44.84 -10.10 21.87
CA LEU A 1118 -44.38 -10.85 20.70
C LEU A 1118 -43.12 -10.23 20.12
N VAL A 1119 -43.06 -8.90 20.10
CA VAL A 1119 -41.85 -8.22 19.61
C VAL A 1119 -40.65 -8.55 20.50
N THR A 1120 -40.85 -8.54 21.82
CA THR A 1120 -39.74 -8.87 22.72
C THR A 1120 -39.30 -10.32 22.55
N LEU A 1121 -40.25 -11.25 22.37
CA LEU A 1121 -39.88 -12.64 22.11
C LEU A 1121 -39.09 -12.76 20.82
N ASN A 1122 -39.49 -12.03 19.78
CA ASN A 1122 -38.73 -12.04 18.54
C ASN A 1122 -37.32 -11.49 18.75
N PHE A 1123 -37.19 -10.41 19.53
CA PHE A 1123 -35.89 -9.83 19.80
C PHE A 1123 -34.97 -10.82 20.50
N VAL A 1124 -35.45 -11.40 21.59
CA VAL A 1124 -34.62 -12.33 22.35
C VAL A 1124 -34.34 -13.59 21.53
N GLY A 1125 -35.31 -14.04 20.74
CA GLY A 1125 -35.10 -15.20 19.91
C GLY A 1125 -34.05 -14.96 18.83
N ALA A 1126 -34.08 -13.79 18.20
CA ALA A 1126 -33.08 -13.46 17.20
C ALA A 1126 -31.69 -13.41 17.81
N PHE A 1127 -31.55 -12.76 18.97
CA PHE A 1127 -30.22 -12.68 19.58
C PHE A 1127 -29.74 -14.03 20.07
N MET A 1128 -30.62 -14.84 20.67
CA MET A 1128 -30.24 -16.18 21.08
C MET A 1128 -29.88 -17.06 19.90
N LEU A 1129 -30.61 -16.94 18.79
CA LEU A 1129 -30.27 -17.70 17.59
C LEU A 1129 -28.90 -17.31 17.07
N GLU A 1130 -28.62 -16.00 17.02
CA GLU A 1130 -27.32 -15.57 16.55
C GLU A 1130 -26.21 -16.07 17.44
N SER A 1131 -26.38 -15.98 18.77
CA SER A 1131 -25.34 -16.44 19.69
C SER A 1131 -25.14 -17.95 19.57
N VAL A 1132 -26.24 -18.71 19.54
CA VAL A 1132 -26.16 -20.17 19.48
C VAL A 1132 -25.48 -20.61 18.19
N LEU A 1133 -25.86 -20.00 17.07
CA LEU A 1133 -25.21 -20.34 15.81
C LEU A 1133 -23.72 -20.01 15.86
N ASP A 1134 -23.39 -18.76 16.23
CA ASP A 1134 -22.00 -18.34 16.25
C ASP A 1134 -21.14 -19.16 17.21
N GLN A 1135 -21.74 -19.77 18.23
CA GLN A 1135 -20.97 -20.52 19.21
C GLN A 1135 -20.99 -22.03 19.00
N CYS A 1136 -21.94 -22.57 18.23
CA CYS A 1136 -22.07 -24.01 18.11
C CYS A 1136 -22.10 -24.54 16.69
N LEU A 1137 -22.17 -23.67 15.67
CA LEU A 1137 -22.30 -24.17 14.31
C LEU A 1137 -20.97 -24.62 13.71
N PRO A 1138 -19.86 -23.89 13.90
CA PRO A 1138 -18.58 -24.42 13.40
C PRO A 1138 -18.22 -25.78 13.98
N ALA A 1139 -18.51 -26.00 15.27
CA ALA A 1139 -18.25 -27.32 15.86
C ALA A 1139 -19.13 -28.38 15.22
N CYS A 1140 -20.41 -28.07 14.97
CA CYS A 1140 -21.30 -29.02 14.32
C CYS A 1140 -20.84 -29.32 12.89
N LEU A 1141 -20.37 -28.32 12.16
CA LEU A 1141 -19.86 -28.55 10.82
C LEU A 1141 -18.60 -29.41 10.83
N ARG A 1142 -17.71 -29.17 11.80
CA ARG A 1142 -16.51 -29.98 11.90
C ARG A 1142 -16.84 -31.43 12.25
N ARG A 1143 -17.80 -31.64 13.16
CA ARG A 1143 -18.15 -32.99 13.57
C ARG A 1143 -18.96 -33.73 12.51
N LEU A 1144 -19.80 -33.02 11.74
CA LEU A 1144 -20.64 -33.68 10.75
C LEU A 1144 -19.85 -34.00 9.49
N ARG A 1145 -19.29 -32.99 8.84
CA ARG A 1145 -18.48 -33.19 7.64
C ARG A 1145 -17.04 -32.78 7.93
N PRO A 1146 -16.15 -33.72 8.21
CA PRO A 1146 -14.77 -33.35 8.53
C PRO A 1146 -13.99 -32.88 7.32
N LYS A 1147 -13.72 -31.58 7.24
CA LYS A 1147 -12.93 -31.01 6.15
C LYS A 1147 -11.47 -31.41 6.34
N ARG A 1148 -11.04 -32.43 5.60
CA ARG A 1148 -9.69 -32.96 5.70
C ARG A 1148 -8.77 -32.46 4.59
N ALA A 1149 -9.20 -31.45 3.84
CA ALA A 1149 -8.40 -30.94 2.74
C ALA A 1149 -8.78 -29.48 2.50
N SER A 1150 -7.92 -28.79 1.76
CA SER A 1150 -8.17 -27.40 1.37
C SER A 1150 -7.83 -27.25 -0.11
N LYS A 1151 -8.45 -26.26 -0.74
CA LYS A 1151 -8.28 -26.05 -2.17
C LYS A 1151 -7.21 -25.03 -2.51
N LYS A 1152 -6.80 -24.19 -1.56
CA LYS A 1152 -5.72 -23.25 -1.80
C LYS A 1152 -4.44 -24.00 -2.08
N ARG A 1153 -3.75 -23.62 -3.16
CA ARG A 1153 -2.54 -24.34 -3.56
C ARG A 1153 -1.45 -24.28 -2.49
N PHE A 1154 -1.30 -23.13 -1.84
CA PHE A 1154 -0.26 -23.02 -0.82
C PHE A 1154 -0.55 -23.91 0.38
N LYS A 1155 -1.83 -24.12 0.71
CA LYS A 1155 -2.15 -25.01 1.83
C LYS A 1155 -1.86 -26.46 1.48
N GLN A 1156 -2.17 -26.87 0.25
CA GLN A 1156 -1.80 -28.21 -0.19
C GLN A 1156 -0.30 -28.40 -0.22
N LEU A 1157 0.44 -27.37 -0.66
CA LEU A 1157 1.89 -27.44 -0.62
C LEU A 1157 2.42 -27.54 0.81
N GLU A 1158 1.83 -26.79 1.74
CA GLU A 1158 2.25 -26.88 3.13
C GLU A 1158 1.99 -28.27 3.69
N ARG A 1159 0.84 -28.85 3.35
CA ARG A 1159 0.54 -30.21 3.79
C ARG A 1159 1.55 -31.20 3.22
N GLU A 1160 1.87 -31.06 1.93
CA GLU A 1160 2.83 -31.95 1.30
C GLU A 1160 4.22 -31.81 1.91
N LEU A 1161 4.62 -30.58 2.25
CA LEU A 1161 5.93 -30.36 2.86
C LEU A 1161 5.97 -30.89 4.30
N ALA A 1162 4.87 -30.76 5.03
CA ALA A 1162 4.80 -31.36 6.36
C ALA A 1162 4.90 -32.88 6.29
N GLU A 1163 4.24 -33.49 5.30
CA GLU A 1163 4.37 -34.93 5.10
C GLU A 1163 5.76 -35.31 4.63
N GLN A 1164 6.39 -34.49 3.79
CA GLN A 1164 7.72 -34.77 3.27
C GLN A 1164 8.41 -33.45 2.96
N PRO A 1165 9.33 -32.99 3.82
CA PRO A 1165 10.04 -31.74 3.54
C PRO A 1165 10.88 -31.85 2.29
N TRP A 1166 10.97 -30.74 1.55
CA TRP A 1166 11.68 -30.79 0.27
C TRP A 1166 13.19 -30.85 0.46
N PRO A 1167 13.83 -29.97 1.23
CA PRO A 1167 15.23 -30.20 1.59
C PRO A 1167 15.30 -31.14 2.79
N PRO A 1168 15.78 -32.38 2.59
CA PRO A 1168 15.84 -33.36 3.68
C PRO A 1168 16.80 -32.94 4.79
#